data_8SPG
#
_entry.id   8SPG
#
_cell.length_a   65.567
_cell.length_b   82.099
_cell.length_c   188.546
_cell.angle_alpha   90.00
_cell.angle_beta   90.00
_cell.angle_gamma   90.00
#
_symmetry.space_group_name_H-M   'P 21 21 21'
#
loop_
_entity.id
_entity.type
_entity.pdbx_description
1 polymer 'RNA polymerase-associated protein RapA'
2 non-polymer "ADENOSINE-5'-DIPHOSPHATE"
3 non-polymer 'MAGNESIUM ION'
4 non-polymer 'CHLORIDE ION'
5 water water
#
_entity_poly.entity_id   1
_entity_poly.type   'polypeptide(L)'
_entity_poly.pdbx_seq_one_letter_code
;HHHHHHFSKPQDRLFAGQIDRMDRFALRYRARKYSSEQFRMPYSGLRGQRTSLIPHQLNIAHDVGRRHAPRVLLADEVGL
GKTIEAGMILHQQLLSGAAERVLIIVPETLQHQWLVEMLRRFNLRFALFDDERYAEAQHDAYNPFDTEQLVICSLDFARR
SKQRLEHLCEAEWDLLVVDEAHHLVWSEDAPSREYQAIEQLAEHVPGVLLLTATPEQLGMESHFARLRLLDPNRFHDFAQ
FVEEQKNYRPVADAVAMLLAGNKLSNDELNMLGEMIGEQDIEPLLQAANSDSEDAQSARQELVSMLMDRHGTSRVLFRNT
RNGVKGFPKRELHTIKLPLPTQYQTAIKVSGIMGARKSAEDRARDMLYPERIYQEFEGDNATWWNFDPRVEWLMGYLTSH
RSQKVLVICAKAATALQLEQVLREREGIRAAVFHEGMSIIERDRAAAWFAEEDTGAQVLLCSEIGSEGRNFQFASHMVMF
DLPFNPDLLEQRIGRLDRIGQAHDIQIHVPYLEKTAQSVLVRWYHEGLDAFEHTCPTGRTIYDSVYNDLINYLASPDQTE
GFDDLIKNCREQHEALKAQLEQGRDRLLEIHSNGGEKAQALAESIEEQDDDTNLIAFAMNLFDIIGINQDDRGDNMIVLT
PSDHMLVPDFPGLSEDGITITFDREVALAREDAQFITWEHPLIRNGLDLILSGDTGSSTISLLKNKALPVGTLLVELIYV
VEAQAPKQLQLNRFLPPTPVRMLLDKNGNNLAAQVEFETFNRQLNAVNRHTGSKLVNAVQQDVHAILQLGEAQIEKSARA
LIDAARNEADEKLSAELSRLEALRAVNPNIRDDELTAIESNRQQVMESLDQAGWRLDALRLIVVTHQ
;
_entity_poly.pdbx_strand_id   A
#
loop_
_chem_comp.id
_chem_comp.type
_chem_comp.name
_chem_comp.formula
ADP non-polymer ADENOSINE-5'-DIPHOSPHATE 'C10 H15 N5 O10 P2'
CL non-polymer 'CHLORIDE ION' 'Cl -1'
MG non-polymer 'MAGNESIUM ION' 'Mg 2'
#
# COMPACT_ATOMS: atom_id res chain seq x y z
N LYS A 9 27.58 -14.14 -30.02
CA LYS A 9 27.78 -12.77 -29.57
C LYS A 9 28.86 -12.68 -28.47
N PRO A 10 28.62 -13.33 -27.32
CA PRO A 10 29.67 -13.29 -26.28
C PRO A 10 30.99 -13.89 -26.73
N GLN A 11 30.94 -14.96 -27.54
CA GLN A 11 32.19 -15.50 -28.08
C GLN A 11 32.86 -14.53 -29.03
N ASP A 12 32.08 -13.77 -29.78
CA ASP A 12 32.65 -12.76 -30.66
C ASP A 12 33.45 -11.73 -29.87
N ARG A 13 32.89 -11.23 -28.76
CA ARG A 13 33.62 -10.29 -27.92
C ARG A 13 34.94 -10.90 -27.43
N LEU A 14 34.86 -12.10 -26.85
CA LEU A 14 36.06 -12.75 -26.32
C LEU A 14 37.17 -12.81 -27.36
N PHE A 15 36.83 -13.16 -28.60
CA PHE A 15 37.84 -13.34 -29.63
C PHE A 15 38.29 -12.02 -30.25
N ALA A 16 37.43 -10.99 -30.20
CA ALA A 16 37.85 -9.64 -30.55
C ALA A 16 38.74 -9.01 -29.50
N GLY A 17 39.09 -9.75 -28.44
CA GLY A 17 39.98 -9.27 -27.41
C GLY A 17 39.30 -8.56 -26.24
N GLN A 18 37.97 -8.45 -26.25
CA GLN A 18 37.24 -7.75 -25.21
C GLN A 18 36.98 -8.71 -24.05
N ILE A 19 37.69 -8.52 -22.95
CA ILE A 19 37.71 -9.46 -21.84
C ILE A 19 37.38 -8.67 -20.58
N ASP A 20 36.25 -9.01 -19.97
CA ASP A 20 35.83 -8.35 -18.75
C ASP A 20 36.62 -8.89 -17.55
N ARG A 21 36.48 -8.20 -16.43
CA ARG A 21 37.10 -8.75 -15.19
C ARG A 21 36.23 -9.90 -14.69
N MET A 22 36.87 -10.94 -14.14
CA MET A 22 36.16 -12.15 -13.65
C MET A 22 34.94 -11.79 -12.79
N ASP A 23 35.05 -10.80 -11.90
CA ASP A 23 33.95 -10.49 -10.96
C ASP A 23 32.71 -10.02 -11.71
N ARG A 24 32.90 -9.41 -12.89
CA ARG A 24 31.74 -9.03 -13.68
C ARG A 24 30.98 -10.26 -14.19
N PHE A 25 31.70 -11.30 -14.62
CA PHE A 25 31.05 -12.54 -15.03
C PHE A 25 30.23 -13.14 -13.88
N ALA A 26 30.79 -13.20 -12.68
CA ALA A 26 30.06 -13.74 -11.55
C ALA A 26 28.83 -12.89 -11.21
N LEU A 27 28.99 -11.57 -11.21
CA LEU A 27 27.84 -10.70 -10.95
C LEU A 27 26.74 -10.97 -11.97
N ARG A 28 27.11 -11.06 -13.24
CA ARG A 28 26.10 -11.28 -14.28
C ARG A 28 25.36 -12.59 -14.05
N TYR A 29 26.08 -13.64 -13.70
CA TYR A 29 25.43 -14.93 -13.50
C TYR A 29 24.50 -14.89 -12.30
N ARG A 30 24.97 -14.33 -11.18
CA ARG A 30 24.12 -14.23 -9.99
C ARG A 30 22.88 -13.39 -10.26
N ALA A 31 23.03 -12.33 -11.05
CA ALA A 31 21.89 -11.47 -11.34
C ALA A 31 20.82 -12.24 -12.10
N ARG A 32 21.24 -13.13 -13.00
CA ARG A 32 20.28 -13.93 -13.73
C ARG A 32 19.64 -14.97 -12.83
N LYS A 33 20.46 -15.67 -12.05
CA LYS A 33 19.91 -16.68 -11.15
C LYS A 33 18.91 -16.05 -10.18
N TYR A 34 19.32 -14.97 -9.52
CA TYR A 34 18.46 -14.33 -8.54
C TYR A 34 17.16 -13.84 -9.17
N SER A 35 17.26 -13.07 -10.25
CA SER A 35 16.05 -12.50 -10.84
C SER A 35 15.11 -13.59 -11.35
N SER A 36 15.66 -14.70 -11.83
CA SER A 36 14.79 -15.78 -12.31
C SER A 36 14.08 -16.48 -11.16
N GLU A 37 14.61 -16.40 -9.95
CA GLU A 37 14.06 -17.13 -8.81
C GLU A 37 13.13 -16.29 -7.96
N GLN A 38 13.37 -14.99 -7.84
CA GLN A 38 12.51 -14.11 -7.06
C GLN A 38 11.23 -13.74 -7.81
N PHE A 39 11.06 -14.23 -9.04
CA PHE A 39 9.81 -14.05 -9.76
C PHE A 39 8.81 -15.14 -9.44
N ARG A 40 9.28 -16.34 -9.15
CA ARG A 40 8.41 -17.48 -8.91
C ARG A 40 8.29 -17.77 -7.41
N MET A 41 7.65 -16.86 -6.69
CA MET A 41 7.47 -17.06 -5.26
C MET A 41 6.07 -16.66 -4.81
N PRO A 42 5.58 -17.26 -3.74
CA PRO A 42 4.16 -17.06 -3.38
C PRO A 42 3.83 -15.63 -2.99
N TYR A 43 4.72 -14.97 -2.25
CA TYR A 43 4.47 -13.63 -1.74
C TYR A 43 4.95 -12.53 -2.67
N SER A 44 5.08 -12.82 -3.97
CA SER A 44 5.64 -11.86 -4.90
C SER A 44 4.71 -10.65 -5.04
N GLY A 45 5.27 -9.45 -4.88
CA GLY A 45 4.48 -8.24 -4.90
C GLY A 45 4.01 -7.77 -3.54
N LEU A 46 4.24 -8.56 -2.49
CA LEU A 46 3.87 -8.20 -1.13
C LEU A 46 5.10 -8.01 -0.23
N ARG A 47 6.29 -7.89 -0.82
CA ARG A 47 7.51 -7.67 -0.04
C ARG A 47 7.99 -6.24 -0.06
N GLY A 48 7.96 -5.58 -1.22
CA GLY A 48 8.68 -4.33 -1.43
C GLY A 48 8.06 -3.08 -0.84
N GLN A 49 6.81 -3.14 -0.36
CA GLN A 49 6.16 -1.96 0.15
C GLN A 49 6.69 -1.63 1.54
N ARG A 50 6.80 -0.32 1.82
CA ARG A 50 7.19 0.20 3.14
C ARG A 50 5.98 0.18 4.06
N THR A 51 5.65 -1.00 4.54
CA THR A 51 4.56 -1.13 5.49
C THR A 51 4.94 -2.21 6.50
N SER A 52 4.34 -2.13 7.68
CA SER A 52 4.36 -3.26 8.58
C SER A 52 3.52 -4.40 7.98
N LEU A 53 3.79 -5.61 8.46
CA LEU A 53 3.16 -6.83 7.94
C LEU A 53 2.00 -7.16 8.88
N ILE A 54 0.80 -6.68 8.54
CA ILE A 54 -0.41 -6.85 9.32
C ILE A 54 -1.30 -7.89 8.65
N PRO A 55 -1.69 -8.96 9.34
CA PRO A 55 -2.34 -10.08 8.63
C PRO A 55 -3.61 -9.73 7.87
N HIS A 56 -4.53 -8.99 8.47
CA HIS A 56 -5.79 -8.75 7.79
C HIS A 56 -5.56 -7.99 6.49
N GLN A 57 -4.59 -7.08 6.48
CA GLN A 57 -4.30 -6.35 5.26
C GLN A 57 -3.72 -7.28 4.20
N LEU A 58 -2.74 -8.09 4.59
CA LEU A 58 -2.13 -9.05 3.67
C LEU A 58 -3.17 -10.05 3.17
N ASN A 59 -4.07 -10.48 4.04
CA ASN A 59 -5.14 -11.38 3.64
C ASN A 59 -5.89 -10.81 2.45
N ILE A 60 -6.38 -9.58 2.58
CA ILE A 60 -7.15 -8.94 1.52
C ILE A 60 -6.28 -8.78 0.27
N ALA A 61 -5.07 -8.27 0.45
CA ALA A 61 -4.24 -7.95 -0.71
C ALA A 61 -3.86 -9.19 -1.50
N HIS A 62 -3.45 -10.25 -0.80
CA HIS A 62 -3.05 -11.47 -1.48
C HIS A 62 -4.23 -12.13 -2.18
N ASP A 63 -5.40 -12.14 -1.55
CA ASP A 63 -6.61 -12.65 -2.19
C ASP A 63 -6.99 -11.79 -3.39
N VAL A 64 -7.23 -10.51 -3.20
CA VAL A 64 -7.74 -9.67 -4.29
C VAL A 64 -6.68 -9.44 -5.36
N GLY A 65 -5.43 -9.24 -4.94
CA GLY A 65 -4.39 -8.81 -5.86
C GLY A 65 -4.00 -9.83 -6.90
N ARG A 66 -4.20 -11.11 -6.64
CA ARG A 66 -3.88 -12.16 -7.59
C ARG A 66 -5.05 -12.54 -8.50
N ARG A 67 -6.20 -11.88 -8.37
CA ARG A 67 -7.32 -12.20 -9.24
C ARG A 67 -7.12 -11.51 -10.59
N HIS A 68 -7.84 -12.00 -11.59
CA HIS A 68 -8.05 -11.28 -12.84
C HIS A 68 -9.17 -10.26 -12.69
N ALA A 69 -8.87 -9.01 -13.04
CA ALA A 69 -9.82 -7.89 -13.00
C ALA A 69 -10.58 -7.90 -11.65
N PRO A 70 -9.89 -7.65 -10.55
CA PRO A 70 -10.61 -7.60 -9.25
C PRO A 70 -11.68 -6.52 -9.24
N ARG A 71 -12.84 -6.86 -8.69
CA ARG A 71 -13.95 -5.93 -8.52
C ARG A 71 -14.50 -6.13 -7.10
N VAL A 72 -14.07 -5.28 -6.16
CA VAL A 72 -14.40 -5.50 -4.75
C VAL A 72 -14.66 -4.19 -4.03
N LEU A 73 -15.35 -4.32 -2.90
CA LEU A 73 -15.60 -3.23 -1.97
C LEU A 73 -14.74 -3.47 -0.74
N LEU A 74 -13.80 -2.56 -0.50
CA LEU A 74 -12.97 -2.59 0.70
C LEU A 74 -13.63 -1.72 1.74
N ALA A 75 -14.26 -2.35 2.74
CA ALA A 75 -15.08 -1.66 3.71
C ALA A 75 -14.55 -1.76 5.13
N ASP A 76 -13.24 -2.00 5.29
CA ASP A 76 -12.65 -1.99 6.62
C ASP A 76 -12.98 -0.67 7.30
N GLU A 77 -13.13 -0.70 8.62
CA GLU A 77 -13.42 0.51 9.38
C GLU A 77 -12.23 1.46 9.32
N VAL A 78 -12.48 2.71 9.71
CA VAL A 78 -11.50 3.77 9.55
C VAL A 78 -10.19 3.41 10.23
N GLY A 79 -9.08 3.71 9.57
CA GLY A 79 -7.77 3.44 10.11
C GLY A 79 -7.25 2.03 9.91
N LEU A 80 -8.07 1.11 9.40
CA LEU A 80 -7.63 -0.27 9.27
C LEU A 80 -6.71 -0.51 8.07
N GLY A 81 -6.66 0.42 7.12
CA GLY A 81 -5.69 0.34 6.05
C GLY A 81 -6.24 0.15 4.65
N LYS A 82 -7.36 0.81 4.35
CA LYS A 82 -7.94 0.67 3.02
C LYS A 82 -7.00 1.21 1.95
N THR A 83 -6.34 2.34 2.23
CA THR A 83 -5.35 2.87 1.29
C THR A 83 -4.20 1.90 1.11
N ILE A 84 -3.69 1.34 2.21
CA ILE A 84 -2.60 0.38 2.12
C ILE A 84 -3.04 -0.87 1.36
N GLU A 85 -4.25 -1.37 1.63
CA GLU A 85 -4.75 -2.55 0.92
C GLU A 85 -4.85 -2.29 -0.58
N ALA A 86 -5.41 -1.16 -0.98
CA ALA A 86 -5.46 -0.78 -2.41
C ALA A 86 -4.04 -0.72 -2.99
N GLY A 87 -3.10 -0.15 -2.24
CA GLY A 87 -1.72 -0.02 -2.70
C GLY A 87 -1.09 -1.38 -2.97
N MET A 88 -1.25 -2.33 -2.06
CA MET A 88 -0.66 -3.67 -2.21
C MET A 88 -1.29 -4.37 -3.42
N ILE A 89 -2.58 -4.17 -3.64
CA ILE A 89 -3.28 -4.74 -4.82
C ILE A 89 -2.66 -4.14 -6.08
N LEU A 90 -2.59 -2.80 -6.15
CA LEU A 90 -1.99 -2.18 -7.31
C LEU A 90 -0.53 -2.59 -7.45
N HIS A 91 0.20 -2.65 -6.35
CA HIS A 91 1.62 -3.02 -6.43
C HIS A 91 1.78 -4.40 -7.07
N GLN A 92 1.01 -5.37 -6.59
CA GLN A 92 1.10 -6.72 -7.11
C GLN A 92 0.73 -6.75 -8.59
N GLN A 93 -0.36 -6.08 -8.95
CA GLN A 93 -0.86 -6.15 -10.31
C GLN A 93 0.10 -5.50 -11.29
N LEU A 94 0.73 -4.41 -10.87
CA LEU A 94 1.65 -3.71 -11.74
C LEU A 94 3.01 -4.41 -11.82
N LEU A 95 3.46 -5.02 -10.72
CA LEU A 95 4.72 -5.76 -10.79
C LEU A 95 4.57 -7.02 -11.63
N SER A 96 3.47 -7.75 -11.46
CA SER A 96 3.28 -8.98 -12.21
C SER A 96 2.98 -8.71 -13.68
N GLY A 97 2.60 -7.50 -14.05
CA GLY A 97 2.20 -7.20 -15.40
C GLY A 97 0.71 -7.32 -15.67
N ALA A 98 -0.06 -7.87 -14.74
CA ALA A 98 -1.50 -7.99 -14.92
C ALA A 98 -2.16 -6.63 -15.17
N ALA A 99 -1.54 -5.54 -14.74
CA ALA A 99 -2.05 -4.21 -15.03
C ALA A 99 -0.90 -3.30 -15.42
N GLU A 100 -1.21 -2.27 -16.20
CA GLU A 100 -0.22 -1.28 -16.59
C GLU A 100 -0.73 0.14 -16.38
N ARG A 101 -2.05 0.33 -16.46
CA ARG A 101 -2.67 1.65 -16.38
C ARG A 101 -3.67 1.68 -15.24
N VAL A 102 -3.53 2.67 -14.36
CA VAL A 102 -4.32 2.75 -13.16
C VAL A 102 -4.84 4.17 -12.99
N LEU A 103 -6.11 4.30 -12.65
CA LEU A 103 -6.73 5.58 -12.33
C LEU A 103 -7.21 5.53 -10.89
N ILE A 104 -6.92 6.58 -10.12
CA ILE A 104 -7.34 6.66 -8.73
C ILE A 104 -8.14 7.93 -8.58
N ILE A 105 -9.42 7.80 -8.23
CA ILE A 105 -10.32 8.93 -8.04
C ILE A 105 -10.56 9.09 -6.54
N VAL A 106 -10.20 10.25 -6.01
CA VAL A 106 -10.31 10.51 -4.58
C VAL A 106 -10.99 11.84 -4.32
N PRO A 107 -11.44 12.13 -3.11
CA PRO A 107 -11.95 13.47 -2.81
C PRO A 107 -10.87 14.54 -2.96
N GLU A 108 -11.31 15.75 -3.24
CA GLU A 108 -10.41 16.84 -3.63
C GLU A 108 -9.18 16.93 -2.72
N THR A 109 -9.38 17.10 -1.42
CA THR A 109 -8.27 17.39 -0.52
C THR A 109 -7.45 16.16 -0.13
N LEU A 110 -7.72 15.00 -0.70
CA LEU A 110 -6.96 13.78 -0.40
C LEU A 110 -5.96 13.42 -1.48
N GLN A 111 -5.85 14.21 -2.56
CA GLN A 111 -4.99 13.82 -3.66
C GLN A 111 -3.53 13.72 -3.22
N HIS A 112 -3.08 14.67 -2.40
CA HIS A 112 -1.66 14.65 -2.04
C HIS A 112 -1.35 13.52 -1.08
N GLN A 113 -2.29 13.19 -0.20
CA GLN A 113 -2.05 12.06 0.70
C GLN A 113 -1.86 10.77 -0.08
N TRP A 114 -2.67 10.56 -1.11
CA TRP A 114 -2.56 9.37 -1.94
C TRP A 114 -1.27 9.39 -2.76
N LEU A 115 -0.91 10.55 -3.30
CA LEU A 115 0.30 10.64 -4.11
C LEU A 115 1.52 10.25 -3.30
N VAL A 116 1.58 10.73 -2.06
CA VAL A 116 2.72 10.44 -1.20
C VAL A 116 2.71 8.98 -0.76
N GLU A 117 1.56 8.45 -0.38
CA GLU A 117 1.47 7.02 0.03
C GLU A 117 1.94 6.09 -1.11
N MET A 118 1.43 6.27 -2.32
CA MET A 118 1.80 5.41 -3.48
C MET A 118 3.30 5.49 -3.79
N LEU A 119 3.87 6.69 -3.73
CA LEU A 119 5.30 6.84 -4.09
C LEU A 119 6.20 6.42 -2.93
N ARG A 120 5.85 6.81 -1.72
CA ARG A 120 6.78 6.59 -0.61
C ARG A 120 6.60 5.24 0.06
N ARG A 121 5.48 4.57 -0.15
CA ARG A 121 5.31 3.21 0.37
C ARG A 121 5.31 2.12 -0.70
N PHE A 122 4.90 2.43 -1.93
CA PHE A 122 4.79 1.41 -2.97
C PHE A 122 5.65 1.73 -4.19
N ASN A 123 6.48 2.77 -4.12
CA ASN A 123 7.39 3.16 -5.21
C ASN A 123 6.67 3.37 -6.54
N LEU A 124 5.43 3.86 -6.48
CA LEU A 124 4.61 4.11 -7.67
C LEU A 124 4.39 5.60 -7.80
N ARG A 125 4.78 6.16 -8.96
N ARG A 125 4.72 6.16 -8.97
CA ARG A 125 4.72 7.62 -9.21
CA ARG A 125 4.72 7.60 -9.24
C ARG A 125 3.45 7.92 -10.02
C ARG A 125 3.45 7.88 -10.05
N PHE A 126 2.44 8.44 -9.35
CA PHE A 126 1.16 8.83 -9.95
C PHE A 126 1.22 10.27 -10.40
N ALA A 127 0.63 10.54 -11.56
CA ALA A 127 0.51 11.91 -12.08
C ALA A 127 -0.81 12.51 -11.62
N LEU A 128 -0.75 13.71 -11.09
CA LEU A 128 -1.94 14.41 -10.63
C LEU A 128 -2.59 15.18 -11.77
N PHE A 129 -3.87 14.93 -11.99
CA PHE A 129 -4.63 15.62 -13.03
C PHE A 129 -5.71 16.44 -12.36
N ASP A 130 -5.68 17.76 -12.63
CA ASP A 130 -6.70 18.70 -12.20
C ASP A 130 -6.88 19.75 -13.29
N ASP A 131 -7.77 20.72 -13.04
CA ASP A 131 -8.04 21.73 -14.06
C ASP A 131 -6.93 22.76 -14.17
N GLU A 132 -6.25 23.07 -13.06
CA GLU A 132 -5.16 24.03 -13.12
C GLU A 132 -4.01 23.52 -14.00
N ARG A 133 -3.68 22.25 -13.87
CA ARG A 133 -2.59 21.68 -14.65
C ARG A 133 -3.01 21.34 -16.06
N TYR A 134 -4.30 21.11 -16.31
CA TYR A 134 -4.82 20.84 -17.65
C TYR A 134 -6.24 21.41 -17.71
N ALA A 135 -6.40 22.55 -18.35
CA ALA A 135 -7.73 23.13 -18.52
C ALA A 135 -8.58 22.22 -19.40
N ASN A 143 -7.24 11.74 -26.28
CA ASN A 143 -7.50 12.37 -24.99
C ASN A 143 -6.19 12.57 -24.23
N PRO A 144 -6.17 13.48 -23.26
CA PRO A 144 -4.94 13.79 -22.52
C PRO A 144 -4.55 12.77 -21.46
N PHE A 145 -5.24 11.64 -21.36
CA PHE A 145 -4.94 10.64 -20.35
C PHE A 145 -4.09 9.49 -20.87
N ASP A 146 -3.92 9.37 -22.18
CA ASP A 146 -2.95 8.43 -22.72
C ASP A 146 -1.52 8.85 -22.41
N THR A 147 -1.32 10.09 -21.95
CA THR A 147 0.02 10.59 -21.67
C THR A 147 0.66 9.89 -20.49
N GLU A 148 -0.14 9.50 -19.49
CA GLU A 148 0.38 8.97 -18.25
C GLU A 148 -0.27 7.62 -17.97
N GLN A 149 0.50 6.70 -17.41
CA GLN A 149 -0.01 5.38 -17.10
C GLN A 149 -0.68 5.31 -15.74
N LEU A 150 -0.26 6.16 -14.78
CA LEU A 150 -0.75 6.15 -13.41
C LEU A 150 -1.28 7.54 -13.11
N VAL A 151 -2.58 7.66 -12.89
CA VAL A 151 -3.21 8.96 -12.75
C VAL A 151 -4.07 9.01 -11.49
N ILE A 152 -3.93 10.12 -10.76
CA ILE A 152 -4.80 10.46 -9.65
C ILE A 152 -5.55 11.73 -10.03
N CYS A 153 -6.85 11.75 -9.75
CA CYS A 153 -7.64 12.97 -9.91
C CYS A 153 -8.76 12.93 -8.89
N SER A 154 -9.47 14.06 -8.77
CA SER A 154 -10.57 14.18 -7.84
C SER A 154 -11.86 13.73 -8.51
N LEU A 155 -12.86 13.39 -7.69
CA LEU A 155 -14.14 13.00 -8.23
C LEU A 155 -14.77 14.15 -9.02
N ASP A 156 -14.73 15.37 -8.47
CA ASP A 156 -15.27 16.52 -9.18
C ASP A 156 -14.60 16.70 -10.54
N PHE A 157 -13.28 16.61 -10.58
CA PHE A 157 -12.56 16.73 -11.85
C PHE A 157 -13.08 15.75 -12.87
N ALA A 158 -13.27 14.49 -12.46
CA ALA A 158 -13.61 13.44 -13.41
C ALA A 158 -15.02 13.61 -13.97
N ARG A 159 -15.94 14.20 -13.20
CA ARG A 159 -17.33 14.35 -13.62
C ARG A 159 -17.65 15.75 -14.11
N ARG A 160 -16.67 16.64 -14.22
CA ARG A 160 -16.96 18.04 -14.47
C ARG A 160 -17.67 18.24 -15.80
N SER A 161 -17.18 17.59 -16.87
CA SER A 161 -17.79 17.72 -18.18
C SER A 161 -17.96 16.34 -18.80
N LYS A 162 -18.92 16.24 -19.73
CA LYS A 162 -19.20 14.97 -20.38
C LYS A 162 -18.10 14.59 -21.37
N GLN A 163 -17.47 15.59 -21.99
CA GLN A 163 -16.29 15.33 -22.79
C GLN A 163 -15.23 14.60 -21.96
N ARG A 164 -14.93 15.16 -20.78
CA ARG A 164 -13.88 14.60 -19.92
C ARG A 164 -14.22 13.17 -19.50
N LEU A 165 -15.47 12.93 -19.08
CA LEU A 165 -15.85 11.59 -18.67
C LEU A 165 -15.58 10.59 -19.79
N GLU A 166 -16.01 10.89 -21.01
CA GLU A 166 -15.81 9.95 -22.11
C GLU A 166 -14.32 9.76 -22.40
N HIS A 167 -13.55 10.83 -22.31
CA HIS A 167 -12.10 10.72 -22.38
C HIS A 167 -11.61 9.63 -21.42
N LEU A 168 -12.09 9.69 -20.18
CA LEU A 168 -11.62 8.74 -19.16
C LEU A 168 -12.02 7.32 -19.49
N CYS A 169 -13.24 7.12 -20.02
CA CYS A 169 -13.70 5.77 -20.32
C CYS A 169 -12.87 5.11 -21.41
N GLU A 170 -12.45 5.88 -22.40
CA GLU A 170 -11.72 5.34 -23.54
C GLU A 170 -10.23 5.29 -23.30
N ALA A 171 -9.74 5.79 -22.17
CA ALA A 171 -8.31 5.81 -21.89
C ALA A 171 -7.73 4.44 -21.59
N GLU A 172 -8.54 3.38 -21.66
CA GLU A 172 -8.06 2.01 -21.52
C GLU A 172 -7.36 1.78 -20.18
N TRP A 173 -8.05 2.14 -19.10
CA TRP A 173 -7.52 1.84 -17.77
C TRP A 173 -7.62 0.35 -17.50
N ASP A 174 -6.62 -0.19 -16.81
CA ASP A 174 -6.72 -1.56 -16.32
C ASP A 174 -7.45 -1.65 -14.97
N LEU A 175 -7.20 -0.71 -14.06
CA LEU A 175 -7.78 -0.76 -12.73
C LEU A 175 -8.27 0.62 -12.34
N LEU A 176 -9.42 0.66 -11.66
CA LEU A 176 -9.99 1.90 -11.15
C LEU A 176 -10.11 1.79 -9.64
N VAL A 177 -9.64 2.82 -8.94
CA VAL A 177 -9.76 2.91 -7.49
C VAL A 177 -10.55 4.17 -7.15
N VAL A 178 -11.63 4.01 -6.39
CA VAL A 178 -12.45 5.13 -5.94
C VAL A 178 -12.42 5.17 -4.42
N ASP A 179 -11.79 6.19 -3.83
CA ASP A 179 -11.71 6.33 -2.39
C ASP A 179 -12.94 7.05 -1.87
N GLU A 180 -13.29 6.77 -0.61
CA GLU A 180 -14.46 7.37 0.02
C GLU A 180 -15.69 7.25 -0.88
N ALA A 181 -15.97 6.02 -1.32
CA ALA A 181 -17.02 5.78 -2.29
C ALA A 181 -18.43 5.98 -1.75
N HIS A 182 -18.57 6.29 -0.46
CA HIS A 182 -19.88 6.68 0.04
C HIS A 182 -20.36 8.01 -0.52
N HIS A 183 -19.50 8.79 -1.17
CA HIS A 183 -19.95 9.96 -1.91
C HIS A 183 -20.70 9.61 -3.19
N LEU A 184 -20.67 8.34 -3.60
CA LEU A 184 -21.49 7.85 -4.70
C LEU A 184 -22.86 7.50 -4.14
N VAL A 185 -23.74 8.50 -4.05
CA VAL A 185 -25.04 8.33 -3.42
C VAL A 185 -26.09 8.01 -4.48
N TRP A 186 -26.99 7.10 -4.15
CA TRP A 186 -27.98 6.62 -5.10
C TRP A 186 -29.36 6.81 -4.52
N SER A 187 -30.33 7.04 -5.41
CA SER A 187 -31.74 7.10 -5.03
C SER A 187 -32.58 6.60 -6.21
N GLU A 188 -33.79 6.14 -5.91
CA GLU A 188 -34.64 5.61 -6.97
C GLU A 188 -34.86 6.63 -8.09
N ASP A 189 -35.03 7.91 -7.73
CA ASP A 189 -35.49 8.88 -8.70
C ASP A 189 -34.41 9.84 -9.19
N ALA A 190 -33.34 10.04 -8.42
CA ALA A 190 -32.28 10.98 -8.78
C ALA A 190 -30.96 10.54 -8.16
N PRO A 191 -30.32 9.54 -8.75
CA PRO A 191 -28.95 9.24 -8.34
C PRO A 191 -28.00 10.40 -8.55
N SER A 192 -26.94 10.42 -7.75
CA SER A 192 -26.03 11.57 -7.79
C SER A 192 -25.29 11.60 -9.13
N ARG A 193 -24.74 12.78 -9.46
CA ARG A 193 -23.80 12.87 -10.57
C ARG A 193 -22.54 12.04 -10.32
N GLU A 194 -22.02 12.09 -9.09
CA GLU A 194 -20.95 11.21 -8.65
C GLU A 194 -21.26 9.76 -9.00
N TYR A 195 -22.37 9.23 -8.49
CA TYR A 195 -22.71 7.84 -8.81
C TYR A 195 -22.74 7.60 -10.32
N GLN A 196 -23.44 8.48 -11.05
CA GLN A 196 -23.60 8.27 -12.49
C GLN A 196 -22.26 8.25 -13.19
N ALA A 197 -21.34 9.12 -12.77
CA ALA A 197 -20.01 9.14 -13.39
C ALA A 197 -19.27 7.81 -13.15
N ILE A 198 -19.33 7.29 -11.93
CA ILE A 198 -18.64 6.05 -11.62
C ILE A 198 -19.35 4.89 -12.29
N GLU A 199 -20.68 4.94 -12.35
CA GLU A 199 -21.42 3.93 -13.08
C GLU A 199 -20.89 3.80 -14.50
N GLN A 200 -20.71 4.92 -15.18
CA GLN A 200 -20.23 4.91 -16.55
C GLN A 200 -18.80 4.40 -16.62
N LEU A 201 -17.92 4.89 -15.74
CA LEU A 201 -16.53 4.46 -15.79
C LEU A 201 -16.39 2.97 -15.47
N ALA A 202 -17.15 2.48 -14.48
CA ALA A 202 -17.01 1.10 -14.04
C ALA A 202 -17.34 0.10 -15.14
N GLU A 203 -18.11 0.52 -16.14
CA GLU A 203 -18.44 -0.37 -17.25
C GLU A 203 -17.28 -0.53 -18.22
N HIS A 204 -16.34 0.41 -18.23
CA HIS A 204 -15.25 0.41 -19.20
C HIS A 204 -13.89 0.09 -18.60
N VAL A 205 -13.79 -0.05 -17.28
CA VAL A 205 -12.56 -0.45 -16.61
C VAL A 205 -12.77 -1.85 -16.04
N PRO A 206 -11.91 -2.83 -16.36
CA PRO A 206 -12.23 -4.22 -15.95
C PRO A 206 -12.09 -4.45 -14.45
N GLY A 207 -11.13 -3.80 -13.80
CA GLY A 207 -10.88 -3.98 -12.38
C GLY A 207 -11.28 -2.71 -11.64
N VAL A 208 -11.96 -2.89 -10.49
CA VAL A 208 -12.52 -1.76 -9.74
C VAL A 208 -12.39 -2.03 -8.25
N LEU A 209 -11.84 -1.07 -7.52
CA LEU A 209 -11.80 -1.11 -6.07
C LEU A 209 -12.57 0.10 -5.56
N LEU A 210 -13.60 -0.15 -4.78
CA LEU A 210 -14.33 0.89 -4.08
C LEU A 210 -13.97 0.81 -2.61
N LEU A 211 -13.56 1.94 -2.04
CA LEU A 211 -13.16 2.02 -0.64
C LEU A 211 -14.16 2.87 0.12
N THR A 212 -14.78 2.28 1.14
CA THR A 212 -15.55 3.08 2.09
C THR A 212 -15.90 2.32 3.38
N ALA A 213 -15.69 2.96 4.53
CA ALA A 213 -16.03 2.35 5.80
C ALA A 213 -17.48 2.54 6.20
N THR A 214 -18.26 3.26 5.41
CA THR A 214 -19.63 3.57 5.80
C THR A 214 -20.40 2.29 6.11
N PRO A 215 -20.97 2.14 7.30
CA PRO A 215 -21.76 0.94 7.58
C PRO A 215 -23.05 0.95 6.79
N GLU A 216 -23.45 -0.24 6.32
CA GLU A 216 -24.61 -0.35 5.45
C GLU A 216 -25.90 0.07 6.15
N GLN A 217 -25.96 -0.05 7.48
CA GLN A 217 -27.18 0.31 8.20
C GLN A 217 -27.54 1.78 8.07
N LEU A 218 -26.63 2.61 7.58
CA LEU A 218 -26.85 4.05 7.41
C LEU A 218 -27.13 4.42 5.96
N GLY A 219 -27.93 3.64 5.23
CA GLY A 219 -27.91 3.78 3.79
C GLY A 219 -27.87 2.49 3.00
N MET A 220 -28.62 1.49 3.48
CA MET A 220 -28.73 0.21 2.78
C MET A 220 -28.87 0.37 1.27
N GLU A 221 -29.72 1.28 0.81
CA GLU A 221 -29.93 1.38 -0.62
C GLU A 221 -28.65 1.79 -1.34
N SER A 222 -27.95 2.80 -0.80
CA SER A 222 -26.71 3.23 -1.45
C SER A 222 -25.65 2.15 -1.38
N HIS A 223 -25.60 1.41 -0.27
CA HIS A 223 -24.69 0.27 -0.18
C HIS A 223 -24.94 -0.72 -1.31
N PHE A 224 -26.20 -1.09 -1.53
CA PHE A 224 -26.51 -2.01 -2.62
C PHE A 224 -26.14 -1.41 -3.97
N ALA A 225 -26.39 -0.11 -4.16
CA ALA A 225 -26.04 0.52 -5.42
C ALA A 225 -24.55 0.40 -5.70
N ARG A 226 -23.71 0.55 -4.67
CA ARG A 226 -22.27 0.37 -4.86
C ARG A 226 -21.93 -1.06 -5.25
N LEU A 227 -22.59 -2.05 -4.64
CA LEU A 227 -22.35 -3.43 -5.05
C LEU A 227 -22.73 -3.63 -6.51
N ARG A 228 -23.77 -2.92 -6.97
CA ARG A 228 -24.19 -3.04 -8.35
C ARG A 228 -23.19 -2.40 -9.30
N LEU A 229 -22.41 -1.43 -8.82
CA LEU A 229 -21.31 -0.92 -9.64
C LEU A 229 -20.30 -2.01 -9.92
N LEU A 230 -20.12 -2.94 -8.99
CA LEU A 230 -19.11 -3.99 -9.16
C LEU A 230 -19.61 -5.13 -10.03
N ASP A 231 -20.87 -5.54 -9.86
CA ASP A 231 -21.44 -6.64 -10.63
C ASP A 231 -22.92 -6.40 -10.80
N PRO A 232 -23.31 -5.61 -11.80
CA PRO A 232 -24.74 -5.36 -12.04
C PRO A 232 -25.52 -6.62 -12.42
N ASN A 233 -24.84 -7.67 -12.89
CA ASN A 233 -25.55 -8.90 -13.22
C ASN A 233 -26.02 -9.61 -11.95
N ARG A 234 -25.12 -9.78 -10.98
CA ARG A 234 -25.47 -10.53 -9.77
C ARG A 234 -26.28 -9.68 -8.80
N PHE A 235 -26.00 -8.38 -8.71
CA PHE A 235 -26.71 -7.49 -7.79
C PHE A 235 -27.75 -6.72 -8.61
N HIS A 236 -28.91 -7.34 -8.80
CA HIS A 236 -29.96 -6.76 -9.62
C HIS A 236 -31.30 -6.62 -8.92
N ASP A 237 -31.47 -7.22 -7.74
CA ASP A 237 -32.74 -7.24 -7.01
C ASP A 237 -32.49 -6.90 -5.54
N PHE A 238 -32.72 -5.64 -5.18
CA PHE A 238 -32.45 -5.19 -3.83
C PHE A 238 -33.19 -6.04 -2.81
N ALA A 239 -34.50 -6.22 -2.99
CA ALA A 239 -35.30 -6.93 -2.00
C ALA A 239 -34.81 -8.35 -1.81
N GLN A 240 -34.57 -9.07 -2.91
CA GLN A 240 -34.10 -10.43 -2.81
C GLN A 240 -32.77 -10.49 -2.06
N PHE A 241 -31.87 -9.56 -2.34
CA PHE A 241 -30.58 -9.54 -1.67
C PHE A 241 -30.73 -9.39 -0.17
N VAL A 242 -31.55 -8.42 0.25
CA VAL A 242 -31.74 -8.20 1.68
C VAL A 242 -32.34 -9.45 2.33
N GLU A 243 -33.32 -10.06 1.67
CA GLU A 243 -33.96 -11.23 2.25
C GLU A 243 -32.96 -12.37 2.42
N GLU A 244 -32.11 -12.61 1.42
CA GLU A 244 -31.11 -13.66 1.52
C GLU A 244 -30.14 -13.41 2.66
N GLN A 245 -29.71 -12.16 2.85
CA GLN A 245 -28.86 -11.84 3.99
C GLN A 245 -29.59 -12.09 5.30
N LYS A 246 -30.88 -11.74 5.36
CA LYS A 246 -31.64 -11.93 6.60
C LYS A 246 -31.76 -13.41 6.96
N ASN A 247 -32.09 -14.25 5.98
CA ASN A 247 -32.14 -15.69 6.24
C ASN A 247 -30.77 -16.25 6.61
N TYR A 248 -29.68 -15.59 6.21
CA TYR A 248 -28.35 -16.15 6.44
C TYR A 248 -27.86 -15.89 7.85
N ARG A 249 -28.13 -14.70 8.38
CA ARG A 249 -27.62 -14.34 9.71
C ARG A 249 -27.84 -15.42 10.76
N PRO A 250 -29.04 -15.99 10.93
CA PRO A 250 -29.19 -17.05 11.94
C PRO A 250 -28.13 -18.15 11.85
N VAL A 251 -27.94 -18.70 10.65
CA VAL A 251 -26.88 -19.70 10.44
C VAL A 251 -25.53 -19.15 10.87
N ALA A 252 -25.14 -18.00 10.30
CA ALA A 252 -23.77 -17.53 10.45
C ALA A 252 -23.50 -17.01 11.86
N ASP A 253 -24.50 -16.45 12.53
CA ASP A 253 -24.28 -15.96 13.89
C ASP A 253 -23.91 -17.10 14.83
N ALA A 254 -24.59 -18.25 14.71
CA ALA A 254 -24.30 -19.40 15.56
C ALA A 254 -22.88 -19.89 15.31
N VAL A 255 -22.59 -20.27 14.06
CA VAL A 255 -21.25 -20.72 13.70
C VAL A 255 -20.19 -19.75 14.23
N ALA A 256 -20.47 -18.44 14.13
CA ALA A 256 -19.53 -17.45 14.65
C ALA A 256 -19.38 -17.57 16.17
N MET A 257 -20.47 -17.90 16.87
CA MET A 257 -20.36 -18.16 18.29
C MET A 257 -19.64 -19.47 18.59
N LEU A 258 -19.40 -20.30 17.57
CA LEU A 258 -18.65 -21.53 17.78
C LEU A 258 -17.15 -21.32 17.60
N LEU A 259 -16.73 -20.51 16.63
CA LEU A 259 -15.32 -20.12 16.59
C LEU A 259 -14.91 -19.40 17.87
N ALA A 260 -15.86 -18.81 18.58
CA ALA A 260 -15.65 -18.31 19.93
C ALA A 260 -15.87 -19.39 20.98
N GLY A 261 -16.23 -20.60 20.58
CA GLY A 261 -16.21 -21.72 21.49
C GLY A 261 -17.43 -21.88 22.37
N ASN A 262 -18.62 -21.54 21.88
CA ASN A 262 -19.88 -21.86 22.55
C ASN A 262 -20.57 -22.89 21.68
N LYS A 263 -20.70 -24.11 22.19
CA LYS A 263 -21.10 -25.24 21.36
C LYS A 263 -22.52 -25.05 20.82
N LEU A 264 -22.83 -25.87 19.82
CA LEU A 264 -24.03 -25.73 19.01
C LEU A 264 -25.15 -26.60 19.54
N SER A 265 -26.34 -26.40 18.98
CA SER A 265 -27.57 -27.04 19.41
C SER A 265 -27.87 -28.25 18.54
N ASN A 266 -29.10 -28.75 18.61
CA ASN A 266 -29.63 -29.63 17.58
C ASN A 266 -30.42 -28.85 16.53
N ASP A 267 -30.88 -27.65 16.88
CA ASP A 267 -31.55 -26.79 15.89
C ASP A 267 -30.55 -26.32 14.84
N GLU A 268 -29.44 -25.74 15.29
CA GLU A 268 -28.41 -25.24 14.40
C GLU A 268 -27.78 -26.36 13.57
N LEU A 269 -27.96 -27.62 13.97
CA LEU A 269 -27.29 -28.72 13.30
C LEU A 269 -28.03 -29.18 12.05
N ASN A 270 -29.36 -29.10 12.03
CA ASN A 270 -30.09 -29.42 10.81
C ASN A 270 -30.07 -28.25 9.84
N MET A 271 -30.19 -27.02 10.35
CA MET A 271 -30.05 -25.85 9.49
C MET A 271 -28.74 -25.87 8.75
N LEU A 272 -27.67 -26.34 9.40
CA LEU A 272 -26.34 -26.34 8.79
C LEU A 272 -26.22 -27.44 7.74
N GLY A 273 -26.64 -28.66 8.09
CA GLY A 273 -26.67 -29.72 7.10
C GLY A 273 -27.43 -29.34 5.85
N GLU A 274 -28.46 -28.51 6.01
CA GLU A 274 -29.23 -28.03 4.87
C GLU A 274 -28.49 -26.92 4.13
N MET A 275 -28.05 -25.90 4.85
CA MET A 275 -27.30 -24.81 4.23
C MET A 275 -26.22 -25.33 3.31
N ILE A 276 -25.67 -26.51 3.61
CA ILE A 276 -24.62 -27.13 2.82
C ILE A 276 -25.16 -28.49 2.41
N GLY A 277 -25.83 -28.53 1.25
CA GLY A 277 -26.34 -29.75 0.70
C GLY A 277 -25.48 -30.36 -0.37
N GLU A 278 -24.36 -29.72 -0.72
CA GLU A 278 -23.48 -30.21 -1.77
C GLU A 278 -22.61 -31.37 -1.32
N GLN A 279 -22.67 -31.75 -0.05
CA GLN A 279 -21.77 -32.76 0.49
C GLN A 279 -22.24 -33.17 1.87
N ASP A 280 -21.63 -34.23 2.38
CA ASP A 280 -21.88 -34.71 3.73
C ASP A 280 -20.88 -34.07 4.67
N ILE A 281 -21.39 -33.31 5.65
CA ILE A 281 -20.56 -32.70 6.68
C ILE A 281 -20.90 -33.26 8.07
N GLU A 282 -21.75 -34.28 8.14
CA GLU A 282 -22.07 -34.93 9.41
C GLU A 282 -20.83 -35.19 10.27
N PRO A 283 -19.75 -35.78 9.74
CA PRO A 283 -18.53 -35.92 10.57
C PRO A 283 -18.00 -34.57 11.04
N LEU A 284 -17.87 -33.61 10.14
CA LEU A 284 -17.39 -32.29 10.51
C LEU A 284 -18.25 -31.66 11.59
N LEU A 285 -19.57 -31.76 11.46
CA LEU A 285 -20.46 -31.16 12.45
C LEU A 285 -20.38 -31.90 13.78
N GLN A 286 -20.42 -33.24 13.75
CA GLN A 286 -20.29 -34.01 14.98
C GLN A 286 -19.03 -33.61 15.75
N ALA A 287 -17.94 -33.39 15.03
CA ALA A 287 -16.69 -32.97 15.66
C ALA A 287 -16.84 -31.58 16.29
N ALA A 288 -17.15 -30.57 15.45
CA ALA A 288 -17.14 -29.19 15.92
C ALA A 288 -18.10 -29.00 17.10
N ASN A 289 -19.30 -29.55 17.01
CA ASN A 289 -20.30 -29.38 18.05
C ASN A 289 -20.08 -30.39 19.18
N SER A 290 -18.89 -30.33 19.77
CA SER A 290 -18.55 -31.22 20.87
C SER A 290 -17.27 -30.72 21.53
N ASP A 291 -16.93 -31.36 22.65
CA ASP A 291 -15.76 -31.01 23.45
C ASP A 291 -14.59 -31.93 23.18
N SER A 292 -14.44 -32.34 21.91
CA SER A 292 -13.33 -33.18 21.49
C SER A 292 -12.18 -32.32 20.96
N GLU A 293 -10.98 -32.89 21.03
CA GLU A 293 -9.77 -32.19 20.58
C GLU A 293 -9.81 -31.87 19.10
N ASP A 294 -10.71 -32.49 18.34
CA ASP A 294 -10.89 -32.19 16.93
C ASP A 294 -12.03 -31.21 16.68
N ALA A 295 -12.55 -30.58 17.74
CA ALA A 295 -13.72 -29.71 17.60
C ALA A 295 -13.36 -28.36 16.99
N GLN A 296 -12.19 -27.81 17.35
CA GLN A 296 -11.85 -26.46 16.92
C GLN A 296 -11.55 -26.41 15.43
N SER A 297 -10.65 -27.27 14.95
CA SER A 297 -10.37 -27.31 13.52
C SER A 297 -11.62 -27.62 12.72
N ALA A 298 -12.51 -28.47 13.27
CA ALA A 298 -13.80 -28.71 12.64
C ALA A 298 -14.62 -27.42 12.55
N ARG A 299 -14.38 -26.48 13.46
CA ARG A 299 -15.11 -25.21 13.45
C ARG A 299 -14.57 -24.28 12.37
N GLN A 300 -13.26 -24.10 12.32
CA GLN A 300 -12.68 -23.18 11.34
C GLN A 300 -12.94 -23.64 9.91
N GLU A 301 -13.03 -24.96 9.68
CA GLU A 301 -13.34 -25.46 8.34
C GLU A 301 -14.80 -25.16 7.99
N LEU A 302 -15.71 -25.43 8.91
CA LEU A 302 -17.11 -25.06 8.73
C LEU A 302 -17.26 -23.58 8.39
N VAL A 303 -16.55 -22.71 9.11
CA VAL A 303 -16.62 -21.28 8.83
C VAL A 303 -16.21 -20.99 7.39
N SER A 304 -15.17 -21.65 6.89
CA SER A 304 -14.75 -21.40 5.52
C SER A 304 -15.79 -21.89 4.51
N MET A 305 -16.48 -22.99 4.82
CA MET A 305 -17.52 -23.46 3.91
C MET A 305 -18.68 -22.47 3.85
N LEU A 306 -19.06 -21.91 4.99
CA LEU A 306 -20.19 -20.96 5.02
C LEU A 306 -19.83 -19.70 4.22
N MET A 307 -18.58 -19.26 4.30
CA MET A 307 -18.18 -18.00 3.61
C MET A 307 -18.17 -18.18 2.08
N ASP A 308 -17.97 -19.40 1.59
CA ASP A 308 -18.04 -19.66 0.13
C ASP A 308 -19.48 -19.48 -0.36
N ARG A 309 -20.45 -19.56 0.54
CA ARG A 309 -21.85 -19.39 0.19
C ARG A 309 -22.40 -18.04 0.60
N HIS A 310 -21.55 -17.14 1.10
CA HIS A 310 -21.99 -15.83 1.57
C HIS A 310 -22.47 -14.98 0.41
N GLY A 311 -23.48 -14.15 0.66
CA GLY A 311 -24.04 -13.34 -0.40
C GLY A 311 -23.06 -12.33 -0.99
N THR A 312 -22.22 -11.75 -0.14
CA THR A 312 -21.22 -10.82 -0.60
C THR A 312 -19.85 -11.46 -0.62
N SER A 313 -19.82 -12.79 -0.74
CA SER A 313 -18.58 -13.55 -0.75
C SER A 313 -17.71 -13.15 -1.93
N ARG A 314 -16.44 -12.93 -1.64
CA ARG A 314 -15.38 -12.55 -2.56
C ARG A 314 -15.44 -11.10 -2.96
N VAL A 315 -16.51 -10.36 -2.64
CA VAL A 315 -16.69 -9.00 -3.14
C VAL A 315 -16.56 -7.94 -2.06
N LEU A 316 -16.70 -8.29 -0.79
CA LEU A 316 -16.75 -7.33 0.29
C LEU A 316 -15.89 -7.85 1.44
N PHE A 317 -15.02 -6.98 1.93
CA PHE A 317 -14.13 -7.25 3.05
C PHE A 317 -14.36 -6.17 4.10
N ARG A 318 -14.81 -6.59 5.27
CA ARG A 318 -15.06 -5.66 6.37
C ARG A 318 -14.44 -6.10 7.68
N ASN A 319 -13.19 -5.70 7.88
CA ASN A 319 -12.59 -5.78 9.20
C ASN A 319 -13.00 -4.61 10.11
N THR A 320 -13.00 -4.87 11.39
CA THR A 320 -13.42 -3.86 12.34
C THR A 320 -12.34 -3.64 13.40
N ARG A 321 -12.39 -2.47 14.05
CA ARG A 321 -11.43 -2.23 15.13
C ARG A 321 -11.66 -3.19 16.29
N ASN A 322 -12.93 -3.48 16.61
CA ASN A 322 -13.23 -4.43 17.68
C ASN A 322 -12.49 -5.75 17.47
N GLY A 323 -12.37 -6.18 16.21
CA GLY A 323 -11.80 -7.48 15.92
C GLY A 323 -10.29 -7.50 15.81
N VAL A 324 -9.72 -6.51 15.12
CA VAL A 324 -8.29 -6.51 14.87
C VAL A 324 -7.50 -6.08 16.11
N LYS A 325 -7.92 -5.00 16.76
CA LYS A 325 -7.43 -4.63 18.09
C LYS A 325 -5.92 -4.43 18.12
N GLY A 326 -5.47 -3.37 17.45
CA GLY A 326 -4.13 -2.87 17.68
C GLY A 326 -4.06 -1.36 17.92
N PHE A 327 -5.15 -0.79 18.35
CA PHE A 327 -5.28 0.66 18.39
C PHE A 327 -5.16 1.20 19.81
N PRO A 328 -4.59 2.38 19.98
CA PRO A 328 -4.43 2.95 21.31
C PRO A 328 -5.77 3.44 21.87
N LYS A 329 -5.77 3.71 23.17
CA LYS A 329 -6.85 4.46 23.80
C LYS A 329 -6.67 5.94 23.47
N ARG A 330 -7.78 6.67 23.44
CA ARG A 330 -7.81 8.10 23.21
C ARG A 330 -8.31 8.80 24.46
N GLU A 331 -7.52 9.77 24.95
CA GLU A 331 -7.81 10.46 26.20
C GLU A 331 -7.93 11.96 25.95
N LEU A 332 -9.06 12.53 26.35
CA LEU A 332 -9.34 13.95 26.13
C LEU A 332 -8.94 14.75 27.37
N HIS A 333 -8.20 15.84 27.16
CA HIS A 333 -7.83 16.78 28.21
C HIS A 333 -8.24 18.16 27.71
N THR A 334 -9.32 18.71 28.24
CA THR A 334 -9.72 20.05 27.89
C THR A 334 -9.19 21.05 28.92
N ILE A 335 -8.90 22.25 28.46
CA ILE A 335 -8.43 23.35 29.29
C ILE A 335 -9.31 24.55 28.97
N LYS A 336 -10.16 24.93 29.91
CA LYS A 336 -11.01 26.10 29.73
C LYS A 336 -10.20 27.35 30.07
N LEU A 337 -10.14 28.29 29.13
CA LEU A 337 -9.31 29.49 29.26
C LEU A 337 -10.15 30.75 29.23
N PRO A 338 -9.77 31.78 29.98
CA PRO A 338 -10.59 33.00 30.02
C PRO A 338 -10.59 33.70 28.67
N LEU A 339 -11.74 34.28 28.34
CA LEU A 339 -11.87 35.00 27.09
C LEU A 339 -11.32 36.41 27.26
N PRO A 340 -10.31 36.81 26.49
CA PRO A 340 -9.67 38.11 26.74
C PRO A 340 -10.57 39.27 26.35
N THR A 341 -10.37 40.39 27.05
CA THR A 341 -11.17 41.57 26.77
C THR A 341 -11.09 41.96 25.31
N GLN A 342 -9.91 41.80 24.70
CA GLN A 342 -9.76 42.16 23.30
C GLN A 342 -10.74 41.40 22.41
N TYR A 343 -10.94 40.11 22.69
CA TYR A 343 -11.90 39.33 21.91
C TYR A 343 -13.34 39.65 22.30
N GLN A 344 -13.62 39.78 23.60
CA GLN A 344 -14.96 40.18 24.04
C GLN A 344 -15.37 41.48 23.36
N THR A 345 -14.46 42.46 23.34
CA THR A 345 -14.72 43.72 22.65
C THR A 345 -15.02 43.49 21.18
N ALA A 346 -14.16 42.73 20.49
CA ALA A 346 -14.34 42.53 19.05
C ALA A 346 -15.67 41.85 18.74
N ILE A 347 -16.10 40.93 19.60
CA ILE A 347 -17.38 40.24 19.38
C ILE A 347 -18.53 41.23 19.45
N LYS A 348 -18.54 42.07 20.50
CA LYS A 348 -19.60 43.07 20.61
C LYS A 348 -19.53 44.08 19.47
N VAL A 349 -18.33 44.56 19.14
CA VAL A 349 -18.20 45.50 18.04
C VAL A 349 -18.78 44.90 16.76
N SER A 350 -18.46 43.63 16.49
CA SER A 350 -18.98 42.99 15.29
C SER A 350 -20.49 42.87 15.32
N GLY A 351 -21.06 42.54 16.49
CA GLY A 351 -22.50 42.50 16.60
C GLY A 351 -23.18 43.83 16.38
N ILE A 352 -22.46 44.94 16.62
CA ILE A 352 -23.03 46.28 16.48
C ILE A 352 -22.65 46.85 15.12
N MET A 353 -21.35 47.00 14.87
CA MET A 353 -20.84 47.66 13.67
C MET A 353 -20.61 46.68 12.52
N GLY A 354 -21.32 45.54 12.52
CA GLY A 354 -20.99 44.44 11.66
C GLY A 354 -21.90 44.34 10.44
N ALA A 355 -21.30 44.35 9.26
CA ALA A 355 -22.00 43.97 8.04
C ALA A 355 -22.40 42.52 8.18
N ARG A 356 -23.69 42.27 8.46
CA ARG A 356 -24.14 40.94 8.82
C ARG A 356 -23.67 39.91 7.80
N LYS A 357 -23.28 38.75 8.31
CA LYS A 357 -22.70 37.68 7.51
C LYS A 357 -23.61 36.45 7.55
N SER A 358 -23.16 35.40 6.86
CA SER A 358 -23.88 34.13 6.88
C SER A 358 -23.81 33.51 8.28
N ALA A 359 -24.71 32.56 8.51
CA ALA A 359 -24.67 31.78 9.75
C ALA A 359 -23.31 31.10 9.89
N GLU A 360 -22.87 30.41 8.84
CA GLU A 360 -21.59 29.72 8.88
C GLU A 360 -20.46 30.68 9.19
N ASP A 361 -20.44 31.84 8.53
CA ASP A 361 -19.30 32.74 8.65
C ASP A 361 -19.25 33.39 10.03
N ARG A 362 -20.40 33.68 10.62
CA ARG A 362 -20.41 34.15 11.99
C ARG A 362 -19.90 33.05 12.93
N ALA A 363 -20.40 31.83 12.75
CA ALA A 363 -19.91 30.71 13.55
C ALA A 363 -18.40 30.53 13.39
N ARG A 364 -17.92 30.53 12.16
CA ARG A 364 -16.47 30.45 11.95
C ARG A 364 -15.74 31.59 12.61
N ASP A 365 -16.31 32.79 12.57
CA ASP A 365 -15.67 33.91 13.27
C ASP A 365 -15.59 33.58 14.77
N MET A 366 -16.64 33.01 15.33
CA MET A 366 -16.68 32.75 16.79
C MET A 366 -15.78 31.57 17.16
N LEU A 367 -15.43 30.71 16.20
CA LEU A 367 -14.60 29.51 16.46
C LEU A 367 -13.12 29.90 16.37
N TYR A 368 -12.79 30.89 15.54
CA TYR A 368 -11.41 31.32 15.34
C TYR A 368 -11.40 32.81 15.67
N PRO A 369 -11.50 33.15 16.95
CA PRO A 369 -11.78 34.55 17.32
C PRO A 369 -10.70 35.51 16.84
N GLU A 370 -9.48 35.03 16.58
CA GLU A 370 -8.46 35.88 16.01
C GLU A 370 -8.89 36.46 14.67
N ARG A 371 -9.87 35.82 14.01
CA ARG A 371 -10.33 36.34 12.73
C ARG A 371 -11.17 37.59 12.91
N ILE A 372 -12.06 37.58 13.91
CA ILE A 372 -12.79 38.80 14.26
C ILE A 372 -11.82 39.91 14.65
N TYR A 373 -10.89 39.60 15.56
CA TYR A 373 -9.97 40.61 16.05
C TYR A 373 -9.16 41.21 14.91
N GLN A 374 -8.76 40.37 13.94
CA GLN A 374 -8.00 40.89 12.80
C GLN A 374 -8.87 41.72 11.88
N GLU A 375 -10.16 41.41 11.79
CA GLU A 375 -11.05 42.19 10.94
C GLU A 375 -11.08 43.66 11.35
N PHE A 376 -11.11 43.93 12.66
CA PHE A 376 -11.26 45.30 13.15
C PHE A 376 -9.94 45.95 13.53
N GLU A 377 -8.91 45.18 13.88
CA GLU A 377 -7.58 45.71 14.10
C GLU A 377 -6.67 45.48 12.90
N GLY A 378 -7.22 45.04 11.77
CA GLY A 378 -6.44 44.78 10.59
C GLY A 378 -5.64 43.51 10.71
N ASP A 379 -5.50 42.77 9.60
CA ASP A 379 -4.64 41.60 9.63
C ASP A 379 -3.24 42.01 10.07
N ASN A 380 -2.53 41.07 10.69
CA ASN A 380 -1.23 41.27 11.31
C ASN A 380 -1.36 41.89 12.70
N ALA A 381 -2.56 42.16 13.18
CA ALA A 381 -2.73 42.53 14.59
C ALA A 381 -2.24 41.39 15.47
N THR A 382 -1.53 41.73 16.55
CA THR A 382 -0.80 40.76 17.35
C THR A 382 -1.74 40.05 18.34
N TRP A 383 -2.67 39.28 17.77
CA TRP A 383 -3.58 38.51 18.62
C TRP A 383 -2.83 37.54 19.53
N TRP A 384 -1.66 37.05 19.08
CA TRP A 384 -0.93 36.06 19.83
C TRP A 384 -0.29 36.62 21.09
N ASN A 385 -0.33 37.94 21.29
CA ASN A 385 0.24 38.53 22.49
C ASN A 385 -0.70 38.46 23.69
N PHE A 386 -1.99 38.28 23.46
CA PHE A 386 -2.97 38.19 24.54
C PHE A 386 -3.86 36.96 24.48
N ASP A 387 -3.91 36.22 23.37
CA ASP A 387 -4.72 35.02 23.29
C ASP A 387 -4.20 33.99 24.29
N PRO A 388 -5.00 33.58 25.29
CA PRO A 388 -4.47 32.65 26.29
C PRO A 388 -4.14 31.27 25.75
N ARG A 389 -4.68 30.89 24.58
CA ARG A 389 -4.29 29.61 23.99
C ARG A 389 -2.80 29.59 23.68
N VAL A 390 -2.28 30.73 23.21
CA VAL A 390 -0.86 30.82 22.91
C VAL A 390 -0.04 30.63 24.17
N GLU A 391 -0.41 31.32 25.23
CA GLU A 391 0.33 31.20 26.48
C GLU A 391 0.26 29.79 27.03
N TRP A 392 -0.92 29.16 26.94
CA TRP A 392 -1.03 27.78 27.41
C TRP A 392 -0.11 26.89 26.59
N LEU A 393 -0.06 27.08 25.28
CA LEU A 393 0.78 26.22 24.41
C LEU A 393 2.26 26.40 24.78
N MET A 394 2.71 27.64 24.95
CA MET A 394 4.12 27.93 25.34
C MET A 394 4.42 27.16 26.64
N GLY A 395 3.54 27.27 27.62
CA GLY A 395 3.73 26.58 28.90
C GLY A 395 3.81 25.08 28.71
N TYR A 396 2.86 24.52 27.97
CA TYR A 396 2.85 23.08 27.75
C TYR A 396 4.13 22.63 27.05
N LEU A 397 4.54 23.36 26.00
CA LEU A 397 5.69 22.90 25.24
C LEU A 397 7.01 23.04 26.00
N THR A 398 7.17 24.12 26.78
CA THR A 398 8.42 24.30 27.53
C THR A 398 8.54 23.34 28.70
N SER A 399 7.46 22.70 29.13
CA SER A 399 7.53 21.70 30.18
C SER A 399 7.41 20.27 29.64
N HIS A 400 7.37 20.11 28.31
CA HIS A 400 7.38 18.82 27.65
C HIS A 400 8.38 18.86 26.49
N ARG A 401 9.55 19.42 26.75
CA ARG A 401 10.51 19.69 25.68
C ARG A 401 11.00 18.43 25.00
N SER A 402 10.82 17.25 25.61
CA SER A 402 11.32 16.00 25.03
C SER A 402 10.22 15.13 24.42
N GLN A 403 8.95 15.59 24.48
N GLN A 403 8.98 15.63 24.42
CA GLN A 403 7.75 14.98 23.90
CA GLN A 403 7.76 15.04 23.88
C GLN A 403 7.59 15.53 22.47
C GLN A 403 7.63 15.56 22.45
N LYS A 404 7.51 14.62 21.52
CA LYS A 404 7.13 14.94 20.15
C LYS A 404 5.66 15.31 20.14
N VAL A 405 5.30 16.55 19.80
CA VAL A 405 3.92 17.02 19.87
C VAL A 405 3.44 17.40 18.47
N LEU A 406 2.24 16.92 18.11
CA LEU A 406 1.56 17.33 16.89
C LEU A 406 0.53 18.40 17.28
N VAL A 407 0.68 19.61 16.75
CA VAL A 407 -0.22 20.73 17.03
C VAL A 407 -0.99 21.03 15.74
N ILE A 408 -2.34 21.07 15.79
CA ILE A 408 -3.17 21.20 14.61
C ILE A 408 -4.07 22.43 14.70
N CYS A 409 -4.00 23.24 13.68
CA CYS A 409 -4.87 24.38 13.50
CA CYS A 409 -4.87 24.39 13.49
C CYS A 409 -5.63 24.18 12.21
N ALA A 410 -6.76 24.88 12.13
CA ALA A 410 -7.52 24.84 10.89
C ALA A 410 -6.76 25.48 9.72
N LYS A 411 -6.02 26.58 9.91
CA LYS A 411 -5.54 27.42 8.81
C LYS A 411 -4.02 27.54 8.85
N ALA A 412 -3.40 27.52 7.67
CA ALA A 412 -1.94 27.60 7.59
C ALA A 412 -1.43 28.89 8.24
N ALA A 413 -2.12 30.01 8.01
CA ALA A 413 -1.65 31.26 8.59
C ALA A 413 -1.53 31.16 10.11
N THR A 414 -2.45 30.46 10.76
CA THR A 414 -2.36 30.31 12.20
C THR A 414 -1.14 29.49 12.58
N ALA A 415 -0.93 28.36 11.90
CA ALA A 415 0.24 27.54 12.18
C ALA A 415 1.53 28.34 12.00
N LEU A 416 1.62 29.13 10.92
CA LEU A 416 2.82 29.92 10.67
C LEU A 416 3.04 30.98 11.75
N GLN A 417 1.97 31.66 12.16
CA GLN A 417 2.11 32.64 13.23
C GLN A 417 2.58 32.00 14.53
N LEU A 418 2.08 30.80 14.83
CA LEU A 418 2.55 30.12 16.04
C LEU A 418 4.03 29.77 15.94
N GLU A 419 4.48 29.29 14.78
CA GLU A 419 5.90 28.93 14.63
C GLU A 419 6.79 30.11 15.02
N GLN A 420 6.44 31.31 14.54
CA GLN A 420 7.22 32.50 14.85
C GLN A 420 7.19 32.81 16.34
N VAL A 421 6.01 32.84 16.95
CA VAL A 421 5.92 33.12 18.38
C VAL A 421 6.82 32.15 19.16
N LEU A 422 6.67 30.87 18.89
CA LEU A 422 7.33 29.85 19.70
C LEU A 422 8.84 29.98 19.57
N ARG A 423 9.30 30.34 18.37
CA ARG A 423 10.74 30.50 18.15
C ARG A 423 11.27 31.73 18.87
N GLU A 424 10.63 32.88 18.65
CA GLU A 424 11.18 34.14 19.15
C GLU A 424 11.07 34.23 20.66
N ARG A 425 9.96 33.79 21.22
CA ARG A 425 9.70 34.00 22.65
C ARG A 425 10.27 32.89 23.53
N GLU A 426 10.45 31.69 23.00
CA GLU A 426 10.91 30.56 23.81
C GLU A 426 12.07 29.79 23.18
N GLY A 427 12.50 30.17 21.99
CA GLY A 427 13.65 29.53 21.39
C GLY A 427 13.45 28.09 21.01
N ILE A 428 12.22 27.65 20.86
CA ILE A 428 11.92 26.30 20.41
C ILE A 428 11.54 26.35 18.95
N ARG A 429 12.22 25.54 18.13
CA ARG A 429 11.97 25.51 16.70
C ARG A 429 10.98 24.39 16.39
N ALA A 430 9.89 24.76 15.73
CA ALA A 430 8.87 23.82 15.30
C ALA A 430 8.95 23.63 13.79
N ALA A 431 8.65 22.43 13.34
CA ALA A 431 8.45 22.17 11.93
C ALA A 431 7.02 22.58 11.58
N VAL A 432 6.83 23.05 10.36
CA VAL A 432 5.51 23.49 9.91
C VAL A 432 5.11 22.65 8.71
N PHE A 433 3.81 22.36 8.63
CA PHE A 433 3.23 21.45 7.66
C PHE A 433 1.91 22.09 7.22
N HIS A 434 1.83 22.49 5.95
CA HIS A 434 0.57 23.00 5.43
C HIS A 434 0.55 22.84 3.91
N GLU A 435 -0.67 22.96 3.37
CA GLU A 435 -0.93 22.67 1.96
C GLU A 435 -0.23 23.64 1.03
N GLY A 436 0.20 24.80 1.52
CA GLY A 436 0.93 25.76 0.68
C GLY A 436 2.34 25.28 0.37
N MET A 437 2.86 24.40 1.19
CA MET A 437 4.25 23.92 0.99
C MET A 437 4.27 22.85 -0.09
N SER A 438 5.40 22.71 -0.75
CA SER A 438 5.57 21.65 -1.77
C SER A 438 5.73 20.30 -1.09
N ILE A 439 5.57 19.23 -1.86
CA ILE A 439 5.79 17.90 -1.31
C ILE A 439 7.20 17.80 -0.75
N ILE A 440 8.19 18.26 -1.52
CA ILE A 440 9.57 18.14 -1.06
C ILE A 440 9.77 18.98 0.20
N GLU A 441 9.08 20.11 0.30
CA GLU A 441 9.16 20.91 1.52
C GLU A 441 8.55 20.16 2.70
N ARG A 442 7.41 19.50 2.51
CA ARG A 442 6.83 18.72 3.60
C ARG A 442 7.70 17.52 3.95
N ASP A 443 8.30 16.87 2.95
CA ASP A 443 9.27 15.81 3.22
C ASP A 443 10.34 16.28 4.21
N ARG A 444 10.90 17.47 3.98
CA ARG A 444 11.96 17.96 4.85
C ARG A 444 11.45 18.23 6.26
N ALA A 445 10.30 18.91 6.37
CA ALA A 445 9.72 19.15 7.69
C ALA A 445 9.42 17.84 8.40
N ALA A 446 8.90 16.86 7.66
CA ALA A 446 8.61 15.56 8.26
C ALA A 446 9.88 14.89 8.78
N ALA A 447 10.95 14.90 7.98
CA ALA A 447 12.19 14.27 8.43
C ALA A 447 12.74 14.96 9.68
N TRP A 448 12.65 16.29 9.71
CA TRP A 448 13.13 17.04 10.87
C TRP A 448 12.34 16.68 12.13
N PHE A 449 11.02 16.56 12.00
CA PHE A 449 10.19 16.16 13.15
C PHE A 449 10.49 14.72 13.56
N ALA A 450 10.78 13.85 12.60
CA ALA A 450 11.07 12.45 12.92
C ALA A 450 12.47 12.23 13.50
N GLU A 451 13.36 13.20 13.33
CA GLU A 451 14.74 13.06 13.79
C GLU A 451 14.76 12.98 15.30
N GLU A 452 15.37 11.92 15.82
CA GLU A 452 15.47 11.70 17.25
C GLU A 452 16.56 12.55 17.88
N ASP A 453 16.18 13.17 18.99
CA ASP A 453 16.98 13.91 19.95
C ASP A 453 17.44 15.26 19.45
N THR A 454 17.62 15.40 18.15
CA THR A 454 18.18 16.62 17.59
C THR A 454 17.17 17.35 16.72
N GLY A 455 16.08 16.68 16.42
CA GLY A 455 15.09 17.19 15.50
C GLY A 455 14.12 18.14 16.17
N ALA A 456 13.12 18.59 15.38
CA ALA A 456 12.05 19.44 15.88
C ALA A 456 11.21 18.66 16.89
N GLN A 457 10.78 19.35 17.96
CA GLN A 457 9.97 18.72 18.99
C GLN A 457 8.50 18.90 18.73
N VAL A 458 8.16 19.80 17.81
CA VAL A 458 6.79 20.17 17.54
C VAL A 458 6.58 20.16 16.03
N LEU A 459 5.45 19.63 15.59
CA LEU A 459 4.99 19.80 14.22
C LEU A 459 3.69 20.58 14.24
N LEU A 460 3.70 21.77 13.63
CA LEU A 460 2.55 22.63 13.51
C LEU A 460 1.92 22.40 12.15
N CYS A 461 0.67 21.96 12.14
CA CYS A 461 -0.02 21.61 10.92
C CYS A 461 -1.26 22.47 10.72
N SER A 462 -1.61 22.70 9.45
CA SER A 462 -2.93 23.18 9.08
C SER A 462 -3.88 21.99 9.10
N GLU A 463 -5.05 22.14 8.52
CA GLU A 463 -6.04 21.07 8.49
C GLU A 463 -5.63 19.77 7.82
N ILE A 464 -4.55 19.78 7.04
CA ILE A 464 -4.08 18.55 6.40
C ILE A 464 -3.38 17.56 7.34
N GLY A 465 -3.03 17.99 8.53
CA GLY A 465 -2.38 17.16 9.51
C GLY A 465 -1.06 16.67 9.03
N SER A 466 -0.80 15.39 9.18
CA SER A 466 0.46 14.81 8.78
C SER A 466 0.35 13.91 7.57
N GLU A 467 -0.72 14.07 6.80
CA GLU A 467 -1.10 13.21 5.68
C GLU A 467 -0.99 11.73 6.12
N GLY A 468 -0.27 10.92 5.38
CA GLY A 468 -0.13 9.52 5.72
C GLY A 468 1.19 9.10 6.30
N ARG A 469 2.00 10.08 6.63
CA ARG A 469 3.31 9.87 7.19
C ARG A 469 3.20 9.37 8.61
N ASN A 470 4.02 8.42 8.97
CA ASN A 470 4.01 7.89 10.33
C ASN A 470 5.03 8.54 11.29
N PHE A 471 4.56 8.93 12.44
CA PHE A 471 5.46 9.42 13.49
C PHE A 471 5.22 8.52 14.69
N GLN A 472 5.89 7.37 14.67
CA GLN A 472 5.65 6.33 15.67
C GLN A 472 5.85 6.86 17.06
N PHE A 473 6.70 7.88 17.17
N PHE A 473 6.68 7.90 17.21
CA PHE A 473 7.12 8.42 18.43
CA PHE A 473 7.08 8.36 18.53
C PHE A 473 6.13 9.38 19.06
C PHE A 473 6.14 9.39 19.11
N ALA A 474 5.18 9.88 18.29
CA ALA A 474 4.28 10.92 18.76
C ALA A 474 2.98 10.32 19.30
N SER A 475 2.64 10.68 20.53
CA SER A 475 1.36 10.27 21.11
C SER A 475 0.62 11.44 21.75
N HIS A 476 1.14 12.64 21.55
CA HIS A 476 0.54 13.85 22.17
C HIS A 476 0.08 14.81 21.06
N MET A 477 -1.15 15.29 21.16
CA MET A 477 -1.74 16.17 20.14
C MET A 477 -2.42 17.36 20.81
N VAL A 478 -2.19 18.54 20.25
CA VAL A 478 -2.87 19.76 20.76
C VAL A 478 -3.76 20.29 19.63
N MET A 479 -5.02 20.51 19.95
CA MET A 479 -5.93 21.14 18.97
C MET A 479 -5.99 22.63 19.32
N PHE A 480 -5.12 23.44 18.71
CA PHE A 480 -5.11 24.90 18.94
C PHE A 480 -6.53 25.41 18.73
N ASP A 481 -7.20 24.89 17.72
CA ASP A 481 -8.62 25.20 17.51
C ASP A 481 -9.32 23.91 17.14
N LEU A 482 -10.62 23.99 16.87
CA LEU A 482 -11.37 22.79 16.53
C LEU A 482 -11.86 22.84 15.09
N PRO A 483 -11.96 21.69 14.43
CA PRO A 483 -12.49 21.66 13.06
C PRO A 483 -14.00 21.83 13.05
N PHE A 484 -14.50 22.27 11.90
CA PHE A 484 -15.89 22.67 11.77
C PHE A 484 -16.85 21.50 11.62
N ASN A 485 -16.37 20.29 11.34
CA ASN A 485 -17.31 19.17 11.22
C ASN A 485 -16.65 17.88 11.71
N PRO A 486 -17.45 16.86 12.02
CA PRO A 486 -16.89 15.66 12.67
C PRO A 486 -15.96 14.83 11.80
N ASP A 487 -16.16 14.85 10.48
CA ASP A 487 -15.26 14.12 9.59
C ASP A 487 -13.85 14.66 9.71
N LEU A 488 -13.70 15.99 9.73
CA LEU A 488 -12.37 16.56 9.89
C LEU A 488 -11.81 16.27 11.28
N LEU A 489 -12.66 16.17 12.30
CA LEU A 489 -12.17 15.86 13.65
C LEU A 489 -11.54 14.47 13.69
N GLU A 490 -12.24 13.48 13.16
CA GLU A 490 -11.70 12.12 13.17
C GLU A 490 -10.44 12.03 12.33
N GLN A 491 -10.36 12.79 11.23
CA GLN A 491 -9.15 12.80 10.42
C GLN A 491 -7.98 13.37 11.20
N ARG A 492 -8.21 14.41 12.00
CA ARG A 492 -7.13 14.92 12.83
C ARG A 492 -6.64 13.82 13.77
N ILE A 493 -7.56 13.20 14.50
CA ILE A 493 -7.17 12.23 15.52
C ILE A 493 -6.50 11.02 14.87
N GLY A 494 -6.94 10.67 13.66
CA GLY A 494 -6.36 9.57 12.90
C GLY A 494 -4.92 9.80 12.48
N ARG A 495 -4.39 11.00 12.64
CA ARG A 495 -2.97 11.20 12.40
C ARG A 495 -2.11 10.47 13.41
N LEU A 496 -2.61 10.28 14.64
CA LEU A 496 -1.87 9.53 15.64
C LEU A 496 -2.56 8.26 16.10
N ASP A 497 -3.88 8.16 15.99
CA ASP A 497 -4.64 6.97 16.37
C ASP A 497 -4.52 5.93 15.27
N ARG A 498 -3.34 5.33 15.17
CA ARG A 498 -3.01 4.44 14.06
C ARG A 498 -2.69 3.04 14.56
N ILE A 499 -2.99 2.05 13.71
CA ILE A 499 -2.72 0.67 14.06
C ILE A 499 -1.27 0.52 14.44
N GLY A 500 -1.02 -0.19 15.54
CA GLY A 500 0.32 -0.44 16.01
C GLY A 500 0.87 0.64 16.93
N GLN A 501 0.16 1.72 17.13
CA GLN A 501 0.57 2.72 18.11
C GLN A 501 0.35 2.16 19.52
N ALA A 502 1.39 2.05 20.29
CA ALA A 502 1.24 1.48 21.60
C ALA A 502 0.74 2.44 22.64
N HIS A 503 1.28 3.64 22.62
CA HIS A 503 0.90 4.58 23.61
C HIS A 503 -0.40 5.31 23.37
N ASP A 504 -1.19 5.40 24.42
CA ASP A 504 -2.44 6.10 24.38
C ASP A 504 -2.30 7.54 23.89
N ILE A 505 -3.28 8.00 23.15
CA ILE A 505 -3.20 9.32 22.55
C ILE A 505 -3.74 10.32 23.55
N GLN A 506 -2.94 11.33 23.86
CA GLN A 506 -3.34 12.44 24.72
C GLN A 506 -3.75 13.58 23.81
N ILE A 507 -5.04 13.94 23.84
CA ILE A 507 -5.60 14.98 22.99
C ILE A 507 -5.91 16.18 23.87
N HIS A 508 -5.08 17.22 23.77
CA HIS A 508 -5.27 18.43 24.55
C HIS A 508 -6.06 19.45 23.76
N VAL A 509 -7.12 19.98 24.37
CA VAL A 509 -8.00 20.93 23.71
C VAL A 509 -8.13 22.18 24.57
N PRO A 510 -7.21 23.14 24.48
CA PRO A 510 -7.42 24.42 25.18
C PRO A 510 -8.43 25.23 24.39
N TYR A 511 -9.43 25.77 25.09
CA TYR A 511 -10.53 26.49 24.44
C TYR A 511 -10.91 27.70 25.26
N LEU A 512 -11.49 28.69 24.58
CA LEU A 512 -11.90 29.94 25.19
C LEU A 512 -13.36 29.85 25.66
N GLU A 513 -13.58 30.13 26.93
CA GLU A 513 -14.92 30.05 27.49
C GLU A 513 -15.85 31.05 26.80
N LYS A 514 -17.12 30.66 26.72
CA LYS A 514 -18.19 31.53 26.23
C LYS A 514 -17.97 31.92 24.77
N THR A 515 -17.53 30.95 23.97
CA THR A 515 -17.38 31.16 22.54
C THR A 515 -17.89 29.93 21.81
N ALA A 516 -17.84 29.98 20.48
CA ALA A 516 -18.18 28.80 19.70
C ALA A 516 -17.27 27.63 20.04
N GLN A 517 -16.06 27.91 20.56
CA GLN A 517 -15.15 26.83 20.92
C GLN A 517 -15.73 26.01 22.06
N SER A 518 -16.24 26.67 23.09
CA SER A 518 -16.79 25.94 24.23
C SER A 518 -18.05 25.21 23.83
N VAL A 519 -18.87 25.79 22.95
CA VAL A 519 -20.05 25.10 22.46
C VAL A 519 -19.65 23.83 21.71
N LEU A 520 -18.70 23.95 20.80
CA LEU A 520 -18.33 22.84 19.94
C LEU A 520 -17.59 21.75 20.71
N VAL A 521 -16.71 22.12 21.65
CA VAL A 521 -16.05 21.08 22.45
C VAL A 521 -17.07 20.25 23.22
N ARG A 522 -18.08 20.91 23.79
CA ARG A 522 -19.12 20.16 24.49
C ARG A 522 -19.94 19.31 23.53
N TRP A 523 -20.22 19.83 22.33
CA TRP A 523 -21.03 19.08 21.37
C TRP A 523 -20.30 17.82 20.90
N TYR A 524 -19.03 17.97 20.52
CA TYR A 524 -18.26 16.81 20.07
C TYR A 524 -18.13 15.77 21.19
N HIS A 525 -17.84 16.21 22.41
CA HIS A 525 -17.54 15.28 23.47
C HIS A 525 -18.80 14.68 24.08
N GLU A 526 -19.71 15.53 24.55
CA GLU A 526 -20.89 15.05 25.26
C GLU A 526 -21.95 14.57 24.29
N GLY A 527 -22.07 15.21 23.13
CA GLY A 527 -23.03 14.80 22.13
C GLY A 527 -22.63 13.58 21.33
N LEU A 528 -21.37 13.53 20.88
CA LEU A 528 -20.94 12.45 20.01
C LEU A 528 -19.88 11.54 20.62
N ASP A 529 -19.33 11.89 21.78
CA ASP A 529 -18.21 11.14 22.36
C ASP A 529 -17.09 10.98 21.35
N ALA A 530 -16.88 12.01 20.53
CA ALA A 530 -16.08 11.88 19.32
C ALA A 530 -14.59 11.99 19.58
N PHE A 531 -14.19 12.50 20.74
CA PHE A 531 -12.76 12.61 21.03
C PHE A 531 -12.17 11.27 21.42
N GLU A 532 -12.80 10.60 22.38
CA GLU A 532 -12.20 9.42 23.00
C GLU A 532 -12.58 8.11 22.31
N HIS A 533 -13.55 8.13 21.40
CA HIS A 533 -13.94 6.91 20.70
C HIS A 533 -14.24 7.22 19.25
N THR A 534 -13.71 6.39 18.36
CA THR A 534 -13.92 6.59 16.94
C THR A 534 -15.41 6.56 16.64
N CYS A 535 -15.89 7.55 15.89
CA CYS A 535 -17.31 7.91 15.80
C CYS A 535 -17.83 7.80 14.37
N PRO A 536 -18.40 6.65 13.99
CA PRO A 536 -19.03 6.54 12.66
C PRO A 536 -20.40 7.20 12.57
N THR A 537 -20.92 7.75 13.66
CA THR A 537 -22.22 8.40 13.69
C THR A 537 -22.14 9.91 13.48
N GLY A 538 -20.94 10.48 13.53
CA GLY A 538 -20.81 11.93 13.64
C GLY A 538 -21.52 12.65 12.51
N ARG A 539 -21.23 12.27 11.27
CA ARG A 539 -21.80 12.96 10.12
C ARG A 539 -23.32 12.88 10.11
N THR A 540 -23.88 11.72 10.43
CA THR A 540 -25.34 11.57 10.40
C THR A 540 -26.00 12.52 11.38
N ILE A 541 -25.44 12.64 12.59
CA ILE A 541 -26.07 13.50 13.60
C ILE A 541 -25.84 14.97 13.24
N TYR A 542 -24.64 15.29 12.76
CA TYR A 542 -24.32 16.66 12.40
C TYR A 542 -25.27 17.20 11.35
N ASP A 543 -25.47 16.45 10.27
CA ASP A 543 -26.40 16.90 9.23
C ASP A 543 -27.83 16.97 9.77
N SER A 544 -28.15 16.14 10.75
CA SER A 544 -29.52 16.09 11.27
C SER A 544 -29.85 17.33 12.11
N VAL A 545 -28.84 17.96 12.72
CA VAL A 545 -29.06 19.08 13.61
C VAL A 545 -28.29 20.32 13.16
N TYR A 546 -27.88 20.36 11.89
CA TYR A 546 -26.94 21.38 11.42
C TYR A 546 -27.46 22.79 11.72
N ASN A 547 -28.64 23.11 11.23
CA ASN A 547 -29.17 24.47 11.39
C ASN A 547 -29.15 24.88 12.85
N ASP A 548 -29.69 24.02 13.73
CA ASP A 548 -29.72 24.34 15.15
C ASP A 548 -28.32 24.58 15.69
N LEU A 549 -27.42 23.62 15.48
CA LEU A 549 -26.07 23.75 16.04
C LEU A 549 -25.39 25.02 15.57
N ILE A 550 -25.56 25.36 14.29
CA ILE A 550 -24.89 26.52 13.73
C ILE A 550 -25.34 27.80 14.44
N ASN A 551 -26.60 27.88 14.85
CA ASN A 551 -27.08 29.08 15.53
C ASN A 551 -26.48 29.18 16.93
N TYR A 552 -26.29 28.05 17.61
CA TYR A 552 -25.62 28.09 18.90
C TYR A 552 -24.17 28.54 18.74
N LEU A 553 -23.51 28.09 17.66
CA LEU A 553 -22.13 28.50 17.44
C LEU A 553 -22.06 29.99 17.08
N ALA A 554 -23.06 30.51 16.37
CA ALA A 554 -23.04 31.90 15.95
C ALA A 554 -23.38 32.85 17.10
N SER A 555 -24.12 32.36 18.10
CA SER A 555 -24.46 33.15 19.28
C SER A 555 -24.20 32.29 20.51
N PRO A 556 -22.94 32.15 20.92
CA PRO A 556 -22.62 31.31 22.10
C PRO A 556 -23.12 31.88 23.40
N ASP A 557 -23.46 33.17 23.45
CA ASP A 557 -24.00 33.79 24.65
C ASP A 557 -25.54 33.75 24.68
N GLN A 558 -26.16 33.00 23.77
CA GLN A 558 -27.60 32.77 23.76
C GLN A 558 -27.78 31.26 23.64
N THR A 559 -27.81 30.58 24.78
CA THR A 559 -27.72 29.12 24.81
C THR A 559 -28.97 28.46 25.35
N GLU A 560 -30.14 29.04 25.09
CA GLU A 560 -31.38 28.40 25.49
C GLU A 560 -31.61 27.17 24.62
N GLY A 561 -31.75 26.01 25.25
CA GLY A 561 -32.00 24.78 24.53
C GLY A 561 -30.75 24.02 24.09
N PHE A 562 -29.55 24.54 24.35
CA PHE A 562 -28.35 23.82 23.98
C PHE A 562 -28.23 22.52 24.76
N ASP A 563 -28.52 22.56 26.07
CA ASP A 563 -28.47 21.36 26.89
C ASP A 563 -29.34 20.25 26.32
N ASP A 564 -30.49 20.62 25.75
CA ASP A 564 -31.38 19.62 25.18
C ASP A 564 -30.85 19.10 23.84
N LEU A 565 -30.25 19.98 23.04
CA LEU A 565 -29.62 19.53 21.81
C LEU A 565 -28.58 18.46 22.11
N ILE A 566 -27.70 18.75 23.08
CA ILE A 566 -26.70 17.77 23.52
C ILE A 566 -27.38 16.45 23.89
N LYS A 567 -28.41 16.51 24.74
CA LYS A 567 -29.11 15.31 25.14
C LYS A 567 -29.66 14.55 23.93
N ASN A 568 -30.35 15.24 23.03
CA ASN A 568 -30.89 14.59 21.84
C ASN A 568 -29.77 13.96 21.01
N CYS A 569 -28.72 14.73 20.73
CA CYS A 569 -27.63 14.20 19.91
C CYS A 569 -27.01 12.95 20.51
N ARG A 570 -26.79 12.95 21.82
CA ARG A 570 -26.19 11.77 22.45
C ARG A 570 -27.14 10.59 22.41
N GLU A 571 -28.44 10.84 22.60
CA GLU A 571 -29.42 9.75 22.46
C GLU A 571 -29.38 9.17 21.05
N GLN A 572 -29.30 10.02 20.04
CA GLN A 572 -29.16 9.53 18.67
C GLN A 572 -27.87 8.74 18.51
N HIS A 573 -26.77 9.23 19.10
CA HIS A 573 -25.49 8.53 18.98
C HIS A 573 -25.57 7.13 19.60
N GLU A 574 -26.14 7.02 20.80
CA GLU A 574 -26.25 5.72 21.45
C GLU A 574 -27.17 4.80 20.67
N ALA A 575 -28.29 5.33 20.14
CA ALA A 575 -29.22 4.52 19.38
C ALA A 575 -28.57 3.98 18.11
N LEU A 576 -27.90 4.85 17.37
CA LEU A 576 -27.21 4.39 16.17
C LEU A 576 -26.10 3.43 16.51
N LYS A 577 -25.34 3.71 17.58
CA LYS A 577 -24.30 2.78 17.99
C LYS A 577 -24.89 1.40 18.23
N ALA A 578 -26.09 1.34 18.83
CA ALA A 578 -26.74 0.06 19.07
C ALA A 578 -27.11 -0.62 17.77
N GLN A 579 -27.71 0.13 16.84
CA GLN A 579 -28.03 -0.45 15.53
C GLN A 579 -26.78 -1.03 14.87
N LEU A 580 -25.70 -0.26 14.84
CA LEU A 580 -24.47 -0.74 14.20
C LEU A 580 -23.97 -2.02 14.87
N GLU A 581 -23.98 -2.07 16.21
CA GLU A 581 -23.56 -3.28 16.92
C GLU A 581 -24.45 -4.46 16.57
N GLN A 582 -25.76 -4.24 16.51
CA GLN A 582 -26.69 -5.32 16.21
C GLN A 582 -26.57 -5.79 14.77
N GLY A 583 -26.20 -4.90 13.85
CA GLY A 583 -26.11 -5.23 12.44
C GLY A 583 -24.76 -5.75 11.96
N ARG A 584 -23.82 -6.01 12.86
CA ARG A 584 -22.54 -6.56 12.43
C ARG A 584 -22.71 -7.96 11.88
N ASP A 585 -21.95 -8.28 10.83
CA ASP A 585 -21.85 -9.64 10.29
C ASP A 585 -20.58 -10.23 10.88
N ARG A 586 -20.73 -10.88 12.04
CA ARG A 586 -19.55 -11.30 12.78
C ARG A 586 -18.80 -12.44 12.09
N LEU A 587 -19.50 -13.24 11.29
CA LEU A 587 -18.79 -14.25 10.48
C LEU A 587 -17.88 -13.56 9.46
N LEU A 588 -18.43 -12.62 8.69
CA LEU A 588 -17.63 -11.90 7.72
C LEU A 588 -16.48 -11.15 8.36
N GLU A 589 -16.67 -10.64 9.59
CA GLU A 589 -15.59 -9.96 10.29
C GLU A 589 -14.43 -10.90 10.55
N ILE A 590 -14.73 -12.09 11.07
CA ILE A 590 -13.70 -13.10 11.27
C ILE A 590 -13.02 -13.44 9.95
N HIS A 591 -13.83 -13.75 8.94
CA HIS A 591 -13.27 -14.14 7.65
C HIS A 591 -12.42 -13.05 7.03
N SER A 592 -12.72 -11.79 7.33
CA SER A 592 -11.97 -10.68 6.75
C SER A 592 -10.58 -10.55 7.34
N ASN A 593 -10.34 -11.05 8.57
CA ASN A 593 -9.01 -10.97 9.16
C ASN A 593 -8.06 -12.03 8.60
N GLY A 594 -8.59 -13.11 8.01
CA GLY A 594 -7.78 -14.07 7.30
C GLY A 594 -7.33 -15.27 8.10
N GLY A 595 -7.57 -15.28 9.42
CA GLY A 595 -7.27 -16.45 10.23
C GLY A 595 -5.80 -16.80 10.24
N GLU A 596 -5.53 -18.10 10.38
CA GLU A 596 -4.16 -18.57 10.50
C GLU A 596 -3.42 -18.50 9.17
N LYS A 597 -4.12 -18.71 8.06
CA LYS A 597 -3.45 -18.56 6.77
C LYS A 597 -2.84 -17.18 6.62
N ALA A 598 -3.51 -16.15 7.13
CA ALA A 598 -3.01 -14.78 6.97
C ALA A 598 -1.81 -14.54 7.90
N GLN A 599 -1.90 -15.04 9.14
CA GLN A 599 -0.76 -14.95 10.04
C GLN A 599 0.45 -15.64 9.43
N ALA A 600 0.24 -16.81 8.84
CA ALA A 600 1.35 -17.55 8.22
C ALA A 600 1.94 -16.78 7.06
N LEU A 601 1.10 -16.12 6.27
CA LEU A 601 1.62 -15.33 5.16
C LEU A 601 2.50 -14.19 5.67
N ALA A 602 2.08 -13.52 6.74
CA ALA A 602 2.90 -12.47 7.33
C ALA A 602 4.21 -13.04 7.85
N GLU A 603 4.14 -14.15 8.60
CA GLU A 603 5.35 -14.78 9.11
C GLU A 603 6.29 -15.15 7.97
N SER A 604 5.74 -15.65 6.86
CA SER A 604 6.59 -16.08 5.76
C SER A 604 7.29 -14.89 5.10
N ILE A 605 6.59 -13.77 4.92
CA ILE A 605 7.23 -12.61 4.33
C ILE A 605 8.36 -12.10 5.21
N GLU A 606 8.11 -12.04 6.53
CA GLU A 606 9.12 -11.56 7.46
C GLU A 606 10.37 -12.44 7.45
N GLU A 607 10.20 -13.76 7.27
CA GLU A 607 11.36 -14.63 7.11
C GLU A 607 12.19 -14.25 5.89
N GLN A 608 11.53 -13.91 4.78
CA GLN A 608 12.25 -13.40 3.63
C GLN A 608 13.06 -12.16 3.98
N ASP A 609 12.45 -11.22 4.73
CA ASP A 609 13.04 -9.91 4.93
C ASP A 609 14.52 -9.98 5.29
N ASP A 610 14.89 -10.90 6.18
CA ASP A 610 16.28 -11.06 6.61
C ASP A 610 17.07 -11.78 5.51
N ASP A 611 17.30 -11.05 4.42
CA ASP A 611 17.90 -11.61 3.21
C ASP A 611 19.34 -11.10 3.10
N THR A 612 20.30 -11.91 3.57
CA THR A 612 21.69 -11.53 3.44
C THR A 612 22.16 -11.63 1.99
N ASN A 613 21.56 -12.53 1.21
CA ASN A 613 21.92 -12.65 -0.20
C ASN A 613 21.71 -11.33 -0.92
N LEU A 614 20.52 -10.73 -0.75
CA LEU A 614 20.23 -9.47 -1.44
C LEU A 614 21.23 -8.39 -1.07
N ILE A 615 21.57 -8.27 0.22
CA ILE A 615 22.47 -7.21 0.66
C ILE A 615 23.83 -7.35 -0.02
N ALA A 616 24.38 -8.57 -0.01
CA ALA A 616 25.66 -8.82 -0.66
C ALA A 616 25.56 -8.56 -2.16
N PHE A 617 24.51 -9.09 -2.79
CA PHE A 617 24.34 -8.87 -4.23
C PHE A 617 24.21 -7.39 -4.56
N ALA A 618 23.38 -6.66 -3.81
CA ALA A 618 23.13 -5.26 -4.14
C ALA A 618 24.40 -4.41 -4.02
N MET A 619 25.23 -4.66 -3.00
CA MET A 619 26.45 -3.87 -2.86
C MET A 619 27.37 -4.11 -4.04
N ASN A 620 27.62 -5.38 -4.37
CA ASN A 620 28.45 -5.70 -5.54
C ASN A 620 27.86 -5.09 -6.81
N LEU A 621 26.54 -5.15 -6.95
CA LEU A 621 25.90 -4.57 -8.12
C LEU A 621 26.13 -3.06 -8.20
N PHE A 622 25.82 -2.33 -7.14
CA PHE A 622 26.01 -0.89 -7.16
C PHE A 622 27.47 -0.54 -7.42
N ASP A 623 28.38 -1.26 -6.77
CA ASP A 623 29.80 -1.01 -6.94
C ASP A 623 30.20 -1.17 -8.40
N ILE A 624 29.78 -2.26 -9.04
CA ILE A 624 30.16 -2.52 -10.42
C ILE A 624 29.50 -1.51 -11.36
N ILE A 625 28.25 -1.14 -11.07
CA ILE A 625 27.62 -0.07 -11.86
C ILE A 625 28.40 1.23 -11.70
N GLY A 626 29.09 1.39 -10.57
CA GLY A 626 29.85 2.59 -10.32
C GLY A 626 29.23 3.58 -9.35
N ILE A 627 28.34 3.13 -8.47
CA ILE A 627 27.71 3.98 -7.48
C ILE A 627 28.53 3.92 -6.20
N ASN A 628 28.72 5.08 -5.57
CA ASN A 628 29.49 5.18 -4.33
C ASN A 628 28.59 4.90 -3.14
N GLN A 629 29.17 4.28 -2.10
CA GLN A 629 28.40 3.78 -0.97
C GLN A 629 29.07 4.24 0.32
N ASP A 630 28.39 5.14 1.03
CA ASP A 630 28.80 5.55 2.37
C ASP A 630 27.94 4.89 3.44
N ASP A 631 28.58 4.19 4.38
CA ASP A 631 27.86 3.49 5.44
C ASP A 631 27.66 4.41 6.65
N ARG A 632 26.45 4.40 7.20
CA ARG A 632 26.12 5.24 8.35
C ARG A 632 26.00 4.45 9.65
N GLY A 633 26.15 3.12 9.61
CA GLY A 633 26.21 2.31 10.80
C GLY A 633 24.87 1.85 11.35
N ASP A 634 23.85 2.70 11.17
CA ASP A 634 22.51 2.47 11.70
C ASP A 634 21.61 1.70 10.72
N ASN A 635 22.17 0.63 10.14
CA ASN A 635 21.43 -0.20 9.15
C ASN A 635 21.04 0.68 7.96
N MET A 636 21.85 1.70 7.69
CA MET A 636 21.56 2.65 6.60
C MET A 636 22.81 2.96 5.79
N ILE A 637 22.66 3.32 4.52
CA ILE A 637 23.82 3.60 3.63
C ILE A 637 23.44 4.75 2.70
N VAL A 638 24.39 5.63 2.40
CA VAL A 638 24.16 6.72 1.46
C VAL A 638 24.78 6.36 0.12
N LEU A 639 23.96 6.44 -0.92
CA LEU A 639 24.37 6.14 -2.29
C LEU A 639 24.46 7.45 -3.05
N THR A 640 25.55 7.62 -3.80
CA THR A 640 25.76 8.82 -4.60
C THR A 640 26.28 8.45 -5.98
N PRO A 641 25.89 9.20 -7.00
CA PRO A 641 26.41 8.92 -8.35
C PRO A 641 27.90 9.16 -8.41
N SER A 642 28.53 8.58 -9.42
CA SER A 642 29.96 8.70 -9.63
C SER A 642 30.20 9.26 -11.03
N ASP A 643 31.44 9.69 -11.26
CA ASP A 643 31.81 10.18 -12.58
C ASP A 643 31.79 9.06 -13.61
N HIS A 644 32.42 7.94 -13.25
CA HIS A 644 32.56 6.81 -14.21
C HIS A 644 31.55 5.69 -13.89
N MET A 645 30.31 5.90 -14.28
CA MET A 645 29.27 4.88 -14.04
C MET A 645 28.93 4.21 -15.38
N LEU A 646 28.37 3.01 -15.33
CA LEU A 646 28.08 2.26 -16.58
C LEU A 646 27.18 3.09 -17.50
N VAL A 647 26.41 4.02 -16.94
CA VAL A 647 25.50 4.81 -17.76
C VAL A 647 25.65 6.28 -17.35
N PRO A 648 25.17 7.23 -18.16
CA PRO A 648 25.30 8.64 -17.79
C PRO A 648 24.62 8.94 -16.46
N ASP A 649 23.31 8.68 -16.39
CA ASP A 649 22.49 9.02 -15.23
C ASP A 649 21.67 7.80 -14.84
N PHE A 650 21.93 7.25 -13.66
CA PHE A 650 21.24 6.07 -13.21
C PHE A 650 19.85 6.46 -12.69
N PRO A 651 18.77 5.92 -13.26
CA PRO A 651 17.43 6.34 -12.82
C PRO A 651 17.22 6.11 -11.34
N GLY A 652 16.57 7.08 -10.70
CA GLY A 652 16.30 7.03 -9.28
C GLY A 652 17.44 7.52 -8.40
N LEU A 653 18.56 7.93 -8.99
CA LEU A 653 19.73 8.37 -8.25
C LEU A 653 20.04 9.80 -8.63
N SER A 654 19.96 10.71 -7.66
CA SER A 654 20.24 12.11 -7.86
C SER A 654 21.68 12.41 -7.46
N GLU A 655 22.17 13.57 -7.91
CA GLU A 655 23.48 14.04 -7.45
C GLU A 655 23.46 14.37 -5.96
N ASP A 656 22.29 14.66 -5.41
CA ASP A 656 22.16 14.86 -3.97
C ASP A 656 22.31 13.55 -3.21
N GLY A 657 22.20 12.42 -3.89
CA GLY A 657 22.29 11.12 -3.25
C GLY A 657 20.95 10.63 -2.74
N ILE A 658 20.96 9.42 -2.23
CA ILE A 658 19.78 8.80 -1.62
C ILE A 658 20.23 7.96 -0.45
N THR A 659 19.42 7.95 0.60
CA THR A 659 19.66 7.09 1.75
C THR A 659 18.84 5.83 1.55
N ILE A 660 19.47 4.68 1.80
CA ILE A 660 18.79 3.41 1.64
C ILE A 660 18.90 2.62 2.93
N THR A 661 17.99 1.66 3.08
CA THR A 661 18.06 0.64 4.12
C THR A 661 17.48 -0.65 3.53
N PHE A 662 17.94 -1.78 4.06
CA PHE A 662 17.40 -3.10 3.72
C PHE A 662 16.51 -3.66 4.82
N ASP A 663 16.32 -2.91 5.90
CA ASP A 663 15.61 -3.38 7.09
C ASP A 663 14.24 -2.73 7.13
N ARG A 664 13.21 -3.57 7.27
CA ARG A 664 11.83 -3.09 7.18
C ARG A 664 11.52 -2.09 8.30
N GLU A 665 11.91 -2.43 9.53
CA GLU A 665 11.60 -1.58 10.67
C GLU A 665 12.32 -0.23 10.58
N VAL A 666 13.55 -0.21 10.09
CA VAL A 666 14.22 1.06 9.86
C VAL A 666 13.48 1.87 8.80
N ALA A 667 13.07 1.21 7.70
CA ALA A 667 12.38 1.93 6.63
C ALA A 667 11.08 2.56 7.13
N LEU A 668 10.38 1.86 8.01
CA LEU A 668 9.16 2.41 8.59
C LEU A 668 9.45 3.62 9.48
N ALA A 669 10.61 3.66 10.12
CA ALA A 669 10.96 4.79 10.98
C ALA A 669 11.66 5.91 10.24
N ARG A 670 12.23 5.63 9.08
CA ARG A 670 12.93 6.62 8.27
C ARG A 670 12.26 6.66 6.89
N GLU A 671 11.17 7.41 6.81
CA GLU A 671 10.44 7.51 5.56
C GLU A 671 11.22 8.27 4.50
N ASP A 672 12.33 8.91 4.87
CA ASP A 672 13.19 9.57 3.91
C ASP A 672 14.15 8.61 3.23
N ALA A 673 14.25 7.37 3.70
CA ALA A 673 15.16 6.40 3.12
C ALA A 673 14.40 5.44 2.21
N GLN A 674 15.03 5.05 1.12
CA GLN A 674 14.47 4.00 0.27
C GLN A 674 14.58 2.63 0.95
N PHE A 675 13.53 1.81 0.77
CA PHE A 675 13.46 0.47 1.34
C PHE A 675 13.83 -0.51 0.24
N ILE A 676 15.06 -1.03 0.28
CA ILE A 676 15.58 -1.85 -0.81
C ILE A 676 15.13 -3.30 -0.62
N THR A 677 14.41 -3.82 -1.61
CA THR A 677 14.07 -5.23 -1.65
C THR A 677 14.25 -5.69 -3.08
N TRP A 678 14.02 -6.97 -3.33
CA TRP A 678 14.07 -7.46 -4.71
C TRP A 678 13.08 -6.73 -5.60
N GLU A 679 12.05 -6.12 -5.01
CA GLU A 679 10.98 -5.48 -5.75
C GLU A 679 11.15 -3.98 -5.88
N HIS A 680 12.28 -3.45 -5.42
CA HIS A 680 12.49 -2.01 -5.50
C HIS A 680 13.02 -1.64 -6.88
N PRO A 681 12.56 -0.50 -7.44
CA PRO A 681 13.01 -0.12 -8.79
C PRO A 681 14.52 -0.01 -8.94
N LEU A 682 15.23 0.37 -7.87
CA LEU A 682 16.69 0.45 -7.97
C LEU A 682 17.30 -0.90 -8.31
N ILE A 683 16.84 -1.96 -7.64
CA ILE A 683 17.32 -3.30 -7.97
C ILE A 683 16.91 -3.67 -9.39
N ARG A 684 15.62 -3.52 -9.70
CA ARG A 684 15.13 -3.92 -11.02
C ARG A 684 15.81 -3.13 -12.14
N ASN A 685 15.91 -1.80 -11.96
CA ASN A 685 16.69 -1.02 -12.91
C ASN A 685 18.14 -1.50 -12.95
N GLY A 686 18.73 -1.79 -11.79
CA GLY A 686 20.11 -2.23 -11.77
C GLY A 686 20.30 -3.55 -12.51
N LEU A 687 19.40 -4.50 -12.26
CA LEU A 687 19.44 -5.77 -12.99
C LEU A 687 19.28 -5.54 -14.49
N ASP A 688 18.28 -4.75 -14.87
CA ASP A 688 18.04 -4.50 -16.30
C ASP A 688 19.28 -3.92 -16.96
N LEU A 689 19.95 -2.99 -16.28
CA LEU A 689 21.15 -2.39 -16.84
C LEU A 689 22.20 -3.45 -17.13
N ILE A 690 22.55 -4.27 -16.14
CA ILE A 690 23.61 -5.26 -16.31
C ILE A 690 23.21 -6.28 -17.36
N LEU A 691 21.99 -6.80 -17.28
CA LEU A 691 21.59 -7.96 -18.06
C LEU A 691 21.21 -7.63 -19.48
N SER A 692 20.81 -6.39 -19.77
CA SER A 692 20.53 -6.01 -21.15
C SER A 692 21.78 -5.55 -21.88
N GLY A 693 22.93 -5.48 -21.20
CA GLY A 693 24.16 -5.03 -21.78
C GLY A 693 25.19 -6.13 -21.92
N ASP A 694 26.45 -5.72 -22.06
CA ASP A 694 27.56 -6.63 -22.28
C ASP A 694 28.32 -6.99 -21.01
N THR A 695 28.07 -6.30 -19.91
CA THR A 695 28.89 -6.42 -18.72
C THR A 695 28.99 -7.86 -18.26
N GLY A 696 30.21 -8.39 -18.21
CA GLY A 696 30.47 -9.70 -17.66
C GLY A 696 30.16 -10.86 -18.57
N SER A 697 29.95 -10.62 -19.86
CA SER A 697 29.54 -11.70 -20.76
C SER A 697 30.71 -12.47 -21.34
N SER A 698 31.95 -12.02 -21.11
CA SER A 698 33.10 -12.60 -21.78
C SER A 698 34.35 -12.40 -20.94
N THR A 699 34.98 -13.49 -20.54
CA THR A 699 36.19 -13.40 -19.70
C THR A 699 36.97 -14.69 -19.80
N ILE A 700 38.14 -14.68 -19.16
CA ILE A 700 39.04 -15.83 -19.12
C ILE A 700 39.72 -15.85 -17.76
N SER A 701 39.87 -17.05 -17.20
CA SER A 701 40.47 -17.21 -15.89
C SER A 701 41.42 -18.39 -15.91
N LEU A 702 42.25 -18.48 -14.87
CA LEU A 702 43.18 -19.58 -14.68
C LEU A 702 42.75 -20.42 -13.49
N LEU A 703 43.03 -21.72 -13.55
CA LEU A 703 42.69 -22.66 -12.49
C LEU A 703 43.95 -23.37 -12.04
N LYS A 704 44.43 -23.06 -10.84
CA LYS A 704 45.56 -23.78 -10.27
C LYS A 704 45.09 -25.15 -9.82
N ASN A 705 45.50 -26.20 -10.54
CA ASN A 705 45.09 -27.56 -10.19
C ASN A 705 46.05 -28.53 -10.87
N LYS A 706 46.84 -29.24 -10.08
CA LYS A 706 47.83 -30.18 -10.59
C LYS A 706 47.26 -31.58 -10.82
N ALA A 707 46.06 -31.85 -10.31
CA ALA A 707 45.39 -33.10 -10.60
C ALA A 707 44.82 -33.16 -12.01
N LEU A 708 44.94 -32.09 -12.78
CA LEU A 708 44.48 -32.04 -14.16
C LEU A 708 45.63 -31.67 -15.07
N PRO A 709 45.64 -32.19 -16.30
CA PRO A 709 46.76 -31.87 -17.21
C PRO A 709 46.89 -30.37 -17.41
N VAL A 710 48.12 -29.88 -17.30
CA VAL A 710 48.39 -28.47 -17.54
C VAL A 710 47.80 -28.09 -18.89
N GLY A 711 47.32 -26.85 -19.02
CA GLY A 711 46.70 -26.41 -20.25
C GLY A 711 45.32 -26.95 -20.50
N THR A 712 44.81 -27.83 -19.64
CA THR A 712 43.44 -28.29 -19.80
C THR A 712 42.52 -27.09 -19.93
N LEU A 713 41.56 -27.20 -20.82
CA LEU A 713 40.64 -26.13 -21.15
C LEU A 713 39.24 -26.50 -20.66
N LEU A 714 38.61 -25.58 -19.92
CA LEU A 714 37.23 -25.69 -19.51
C LEU A 714 36.50 -24.43 -19.94
N VAL A 715 35.28 -24.57 -20.40
CA VAL A 715 34.48 -23.44 -20.87
C VAL A 715 33.21 -23.39 -20.03
N GLU A 716 33.05 -22.32 -19.26
CA GLU A 716 31.83 -22.10 -18.47
C GLU A 716 30.87 -21.32 -19.35
N LEU A 717 29.75 -21.94 -19.72
CA LEU A 717 28.78 -21.38 -20.63
C LEU A 717 27.50 -21.08 -19.87
N ILE A 718 26.99 -19.86 -20.01
CA ILE A 718 25.72 -19.46 -19.43
C ILE A 718 24.80 -19.19 -20.60
N TYR A 719 23.87 -20.10 -20.87
CA TYR A 719 22.77 -19.88 -21.79
C TYR A 719 21.58 -19.28 -21.04
N VAL A 720 20.70 -18.61 -21.78
CA VAL A 720 19.45 -18.09 -21.23
C VAL A 720 18.29 -18.68 -22.05
N VAL A 721 17.32 -19.25 -21.35
CA VAL A 721 16.10 -19.76 -21.95
C VAL A 721 14.98 -18.79 -21.62
N GLU A 722 14.32 -18.27 -22.65
CA GLU A 722 13.31 -17.24 -22.47
C GLU A 722 12.31 -17.29 -23.60
N ALA A 723 11.06 -16.97 -23.27
CA ALA A 723 9.97 -16.94 -24.24
C ALA A 723 9.56 -15.49 -24.47
N GLN A 724 9.46 -15.11 -25.73
CA GLN A 724 8.97 -13.79 -26.08
C GLN A 724 7.45 -13.78 -25.97
N ALA A 725 6.92 -12.85 -25.18
CA ALA A 725 5.48 -12.75 -25.00
C ALA A 725 5.15 -11.40 -24.35
N PRO A 726 3.91 -10.96 -24.46
CA PRO A 726 3.50 -9.74 -23.76
C PRO A 726 3.53 -9.93 -22.24
N LYS A 727 3.90 -8.85 -21.54
CA LYS A 727 4.01 -8.90 -20.08
C LYS A 727 2.69 -9.33 -19.44
N GLN A 728 1.56 -8.98 -20.03
CA GLN A 728 0.27 -9.27 -19.44
C GLN A 728 0.00 -10.77 -19.30
N LEU A 729 0.65 -11.60 -20.11
CA LEU A 729 0.47 -13.05 -20.00
C LEU A 729 1.10 -13.62 -18.73
N GLN A 730 2.05 -12.89 -18.13
CA GLN A 730 2.70 -13.31 -16.88
C GLN A 730 3.37 -14.67 -17.06
N LEU A 731 4.15 -14.80 -18.13
CA LEU A 731 4.94 -16.02 -18.29
C LEU A 731 5.95 -16.19 -17.16
N ASN A 732 6.40 -15.09 -16.57
CA ASN A 732 7.45 -15.15 -15.55
C ASN A 732 7.06 -16.02 -14.37
N ARG A 733 5.77 -16.25 -14.14
CA ARG A 733 5.38 -17.16 -13.09
C ARG A 733 5.87 -18.57 -13.37
N PHE A 734 6.12 -18.89 -14.63
CA PHE A 734 6.41 -20.25 -15.04
C PHE A 734 7.75 -20.40 -15.75
N LEU A 735 8.15 -19.41 -16.54
CA LEU A 735 9.45 -19.43 -17.21
C LEU A 735 9.93 -17.99 -17.40
N PRO A 736 10.50 -17.39 -16.38
CA PRO A 736 11.26 -16.14 -16.57
C PRO A 736 12.51 -16.42 -17.37
N PRO A 737 13.23 -15.38 -17.86
CA PRO A 737 14.53 -15.65 -18.48
C PRO A 737 15.39 -16.45 -17.52
N THR A 738 15.68 -17.70 -17.85
CA THR A 738 16.33 -18.60 -16.90
C THR A 738 17.72 -18.91 -17.39
N PRO A 739 18.75 -18.78 -16.54
CA PRO A 739 20.08 -19.20 -16.94
C PRO A 739 20.24 -20.71 -16.86
N VAL A 740 21.02 -21.24 -17.79
CA VAL A 740 21.46 -22.63 -17.78
C VAL A 740 22.97 -22.61 -17.87
N ARG A 741 23.62 -23.01 -16.78
CA ARG A 741 25.05 -23.01 -16.67
C ARG A 741 25.57 -24.39 -17.04
N MET A 742 26.51 -24.41 -17.97
N MET A 742 26.51 -24.41 -17.98
CA MET A 742 27.29 -25.57 -18.40
CA MET A 742 27.29 -25.57 -18.40
C MET A 742 28.78 -25.31 -18.17
C MET A 742 28.78 -25.31 -18.17
N LEU A 743 29.50 -26.39 -17.93
CA LEU A 743 30.95 -26.35 -17.70
C LEU A 743 31.57 -27.47 -18.52
N LEU A 744 32.04 -27.16 -19.73
CA LEU A 744 32.41 -28.18 -20.68
C LEU A 744 33.92 -28.34 -20.85
N ASP A 745 34.37 -29.58 -21.07
CA ASP A 745 35.77 -29.83 -21.45
C ASP A 745 35.84 -30.09 -22.95
N LYS A 746 37.05 -30.42 -23.44
CA LYS A 746 37.23 -30.56 -24.87
C LYS A 746 36.35 -31.66 -25.47
N ASN A 747 36.07 -32.70 -24.70
CA ASN A 747 35.23 -33.79 -25.20
C ASN A 747 33.74 -33.52 -25.06
N GLY A 748 33.37 -32.38 -24.50
CA GLY A 748 31.97 -32.05 -24.33
C GLY A 748 31.34 -32.54 -23.05
N ASN A 749 32.13 -33.10 -22.13
CA ASN A 749 31.61 -33.47 -20.82
C ASN A 749 31.15 -32.23 -20.06
N ASN A 750 29.91 -32.25 -19.59
CA ASN A 750 29.34 -31.14 -18.82
C ASN A 750 29.50 -31.46 -17.33
N LEU A 751 30.36 -30.70 -16.67
CA LEU A 751 30.67 -30.91 -15.26
C LEU A 751 29.81 -30.07 -14.32
N ALA A 752 28.86 -29.30 -14.85
CA ALA A 752 28.25 -28.26 -14.04
C ALA A 752 27.42 -28.83 -12.89
N ALA A 753 26.81 -30.01 -13.09
CA ALA A 753 25.96 -30.58 -12.06
C ALA A 753 26.72 -30.91 -10.78
N GLN A 754 28.02 -31.18 -10.89
CA GLN A 754 28.83 -31.52 -9.73
C GLN A 754 29.86 -30.47 -9.37
N VAL A 755 30.00 -29.41 -10.16
CA VAL A 755 30.90 -28.30 -9.85
C VAL A 755 30.03 -27.09 -9.61
N GLU A 756 29.65 -26.86 -8.36
CA GLU A 756 28.76 -25.76 -8.00
C GLU A 756 29.44 -24.43 -8.29
N PHE A 757 28.63 -23.46 -8.70
CA PHE A 757 29.19 -22.22 -9.24
C PHE A 757 30.06 -21.49 -8.21
N GLU A 758 29.53 -21.26 -7.01
CA GLU A 758 30.26 -20.44 -6.05
C GLU A 758 31.58 -21.08 -5.64
N THR A 759 31.56 -22.37 -5.31
CA THR A 759 32.80 -23.03 -4.88
C THR A 759 33.84 -23.00 -5.98
N PHE A 760 33.43 -23.29 -7.22
CA PHE A 760 34.36 -23.26 -8.34
C PHE A 760 34.84 -21.85 -8.62
N ASN A 761 33.93 -20.87 -8.54
CA ASN A 761 34.30 -19.49 -8.82
C ASN A 761 35.43 -19.03 -7.90
N ARG A 762 35.42 -19.49 -6.65
CA ARG A 762 36.46 -19.07 -5.71
C ARG A 762 37.82 -19.61 -6.10
N GLN A 763 37.87 -20.79 -6.72
CA GLN A 763 39.13 -21.45 -7.04
C GLN A 763 39.86 -20.81 -8.22
N LEU A 764 39.22 -19.89 -8.92
CA LEU A 764 39.79 -19.33 -10.15
C LEU A 764 40.60 -18.08 -9.85
N ASN A 765 41.57 -17.80 -10.73
CA ASN A 765 42.45 -16.64 -10.61
C ASN A 765 42.24 -15.73 -11.81
N ALA A 766 42.25 -14.43 -11.54
CA ALA A 766 42.28 -13.45 -12.63
C ALA A 766 43.60 -13.56 -13.39
N VAL A 767 43.59 -13.03 -14.60
CA VAL A 767 44.76 -13.04 -15.47
C VAL A 767 44.88 -11.68 -16.14
N ASN A 768 46.11 -11.25 -16.37
CA ASN A 768 46.34 -10.02 -17.12
C ASN A 768 45.58 -10.08 -18.43
N ARG A 769 44.97 -8.95 -18.80
CA ARG A 769 44.13 -8.94 -20.00
C ARG A 769 44.95 -9.14 -21.27
N HIS A 770 46.18 -8.61 -21.31
CA HIS A 770 47.02 -8.83 -22.49
C HIS A 770 47.47 -10.28 -22.58
N THR A 771 48.00 -10.82 -21.48
CA THR A 771 48.27 -12.26 -21.45
C THR A 771 47.00 -13.04 -21.75
N GLY A 772 45.86 -12.55 -21.30
CA GLY A 772 44.60 -13.22 -21.54
C GLY A 772 44.26 -13.34 -23.00
N SER A 773 44.24 -12.21 -23.71
CA SER A 773 43.89 -12.23 -25.12
C SER A 773 44.85 -13.06 -25.94
N LYS A 774 46.05 -13.32 -25.42
CA LYS A 774 46.99 -14.20 -26.10
C LYS A 774 46.64 -15.67 -25.87
N LEU A 775 46.24 -16.01 -24.65
CA LEU A 775 45.77 -17.37 -24.36
C LEU A 775 44.58 -17.73 -25.23
N VAL A 776 43.61 -16.82 -25.36
CA VAL A 776 42.40 -17.13 -26.11
C VAL A 776 42.73 -17.38 -27.58
N ASN A 777 43.51 -16.47 -28.20
CA ASN A 777 43.83 -16.62 -29.61
C ASN A 777 44.58 -17.92 -29.87
N ALA A 778 45.34 -18.39 -28.88
CA ALA A 778 46.07 -19.64 -29.02
C ALA A 778 45.14 -20.86 -29.00
N VAL A 779 43.94 -20.75 -28.44
CA VAL A 779 43.02 -21.86 -28.36
C VAL A 779 41.66 -21.54 -29.00
N GLN A 780 41.62 -20.52 -29.86
CA GLN A 780 40.35 -20.11 -30.45
C GLN A 780 39.63 -21.28 -31.12
N GLN A 781 40.38 -22.13 -31.83
CA GLN A 781 39.73 -23.21 -32.56
C GLN A 781 39.17 -24.27 -31.62
N ASP A 782 39.94 -24.63 -30.59
CA ASP A 782 39.40 -25.55 -29.59
C ASP A 782 38.12 -25.01 -28.99
N VAL A 783 38.07 -23.71 -28.69
CA VAL A 783 36.88 -23.12 -28.10
C VAL A 783 35.69 -23.25 -29.05
N HIS A 784 35.89 -22.91 -30.32
CA HIS A 784 34.81 -23.07 -31.30
C HIS A 784 34.24 -24.48 -31.26
N ALA A 785 35.10 -25.49 -31.17
CA ALA A 785 34.63 -26.87 -31.17
C ALA A 785 33.81 -27.14 -29.91
N ILE A 786 34.29 -26.66 -28.76
CA ILE A 786 33.55 -26.84 -27.51
C ILE A 786 32.20 -26.14 -27.60
N LEU A 787 32.16 -24.93 -28.16
CA LEU A 787 30.89 -24.21 -28.27
C LEU A 787 29.91 -24.99 -29.14
N GLN A 788 30.40 -25.64 -30.19
CA GLN A 788 29.52 -26.47 -31.01
C GLN A 788 28.95 -27.61 -30.20
N LEU A 789 29.77 -28.25 -29.36
CA LEU A 789 29.27 -29.34 -28.53
C LEU A 789 28.23 -28.83 -27.54
N GLY A 790 28.36 -27.58 -27.09
CA GLY A 790 27.37 -27.04 -26.17
C GLY A 790 26.00 -26.86 -26.80
N GLU A 791 25.97 -26.40 -28.05
CA GLU A 791 24.70 -26.13 -28.72
C GLU A 791 23.79 -27.35 -28.76
N ALA A 792 24.37 -28.55 -28.89
CA ALA A 792 23.55 -29.75 -28.89
C ALA A 792 22.97 -30.00 -27.51
N GLN A 793 23.75 -29.74 -26.46
CA GLN A 793 23.30 -30.05 -25.11
C GLN A 793 22.33 -29.01 -24.57
N ILE A 794 22.41 -27.77 -25.07
CA ILE A 794 21.47 -26.75 -24.62
C ILE A 794 20.08 -27.01 -25.18
N GLU A 795 19.99 -27.54 -26.41
CA GLU A 795 18.70 -27.88 -26.97
C GLU A 795 17.98 -28.90 -26.11
N LYS A 796 18.71 -29.90 -25.63
CA LYS A 796 18.12 -30.86 -24.71
C LYS A 796 17.70 -30.16 -23.42
N SER A 797 18.59 -29.37 -22.84
CA SER A 797 18.30 -28.71 -21.57
C SER A 797 17.13 -27.74 -21.69
N ALA A 798 17.15 -26.89 -22.72
CA ALA A 798 16.08 -25.92 -22.88
C ALA A 798 14.74 -26.60 -23.16
N ARG A 799 14.75 -27.72 -23.87
CA ARG A 799 13.51 -28.44 -24.13
C ARG A 799 12.95 -29.03 -22.85
N ALA A 800 13.82 -29.49 -21.96
CA ALA A 800 13.35 -30.00 -20.67
C ALA A 800 12.77 -28.88 -19.82
N LEU A 801 13.48 -27.76 -19.74
CA LEU A 801 12.99 -26.64 -18.95
C LEU A 801 11.65 -26.15 -19.49
N ILE A 802 11.52 -26.09 -20.81
CA ILE A 802 10.31 -25.56 -21.43
C ILE A 802 9.12 -26.49 -21.19
N ASP A 803 9.31 -27.79 -21.44
CA ASP A 803 8.21 -28.74 -21.27
C ASP A 803 7.76 -28.80 -19.82
N ALA A 804 8.70 -28.71 -18.88
CA ALA A 804 8.34 -28.71 -17.46
C ALA A 804 7.49 -27.49 -17.12
N ALA A 805 7.85 -26.32 -17.67
CA ALA A 805 7.10 -25.10 -17.37
C ALA A 805 5.73 -25.14 -18.05
N ARG A 806 5.69 -25.56 -19.30
CA ARG A 806 4.41 -25.75 -19.97
C ARG A 806 3.51 -26.67 -19.18
N ASN A 807 4.06 -27.69 -18.52
CA ASN A 807 3.20 -28.59 -17.75
C ASN A 807 2.76 -27.98 -16.42
N GLU A 808 3.65 -27.24 -15.75
CA GLU A 808 3.26 -26.60 -14.51
C GLU A 808 2.24 -25.49 -14.74
N ALA A 809 2.31 -24.82 -15.90
CA ALA A 809 1.27 -23.87 -16.25
C ALA A 809 -0.06 -24.57 -16.43
N ASP A 810 -0.06 -25.72 -17.12
CA ASP A 810 -1.28 -26.50 -17.31
C ASP A 810 -1.86 -26.87 -15.98
N GLU A 811 -1.02 -27.42 -15.11
CA GLU A 811 -1.48 -27.90 -13.82
C GLU A 811 -2.04 -26.76 -12.98
N LYS A 812 -1.27 -25.68 -12.81
CA LYS A 812 -1.70 -24.60 -11.93
C LYS A 812 -2.94 -23.89 -12.48
N LEU A 813 -2.91 -23.51 -13.77
CA LEU A 813 -3.99 -22.70 -14.31
C LEU A 813 -5.27 -23.52 -14.46
N SER A 814 -5.16 -24.81 -14.79
CA SER A 814 -6.34 -25.66 -14.81
C SER A 814 -6.85 -25.90 -13.40
N ALA A 815 -5.94 -25.97 -12.42
CA ALA A 815 -6.38 -26.13 -11.04
C ALA A 815 -7.17 -24.91 -10.58
N GLU A 816 -6.72 -23.71 -10.94
CA GLU A 816 -7.42 -22.50 -10.53
C GLU A 816 -8.77 -22.37 -11.23
N LEU A 817 -8.84 -22.72 -12.51
CA LEU A 817 -10.11 -22.71 -13.22
C LEU A 817 -11.10 -23.67 -12.59
N SER A 818 -10.62 -24.81 -12.10
CA SER A 818 -11.48 -25.76 -11.42
C SER A 818 -11.93 -25.21 -10.07
N ARG A 819 -11.04 -24.50 -9.39
CA ARG A 819 -11.41 -23.93 -8.09
C ARG A 819 -12.52 -22.90 -8.23
N LEU A 820 -12.46 -22.09 -9.30
CA LEU A 820 -13.48 -21.06 -9.48
C LEU A 820 -14.79 -21.65 -10.00
N GLU A 821 -14.70 -22.68 -10.84
CA GLU A 821 -15.92 -23.35 -11.28
C GLU A 821 -16.61 -24.04 -10.12
N ALA A 822 -15.83 -24.61 -9.20
CA ALA A 822 -16.42 -25.26 -8.04
C ALA A 822 -17.01 -24.23 -7.08
N LEU A 823 -16.39 -23.05 -6.98
CA LEU A 823 -16.96 -22.00 -6.16
C LEU A 823 -18.27 -21.50 -6.75
N ARG A 824 -18.35 -21.42 -8.08
CA ARG A 824 -19.55 -20.89 -8.72
C ARG A 824 -20.76 -21.76 -8.44
N ALA A 825 -20.56 -23.05 -8.19
CA ALA A 825 -21.70 -23.92 -7.91
C ALA A 825 -22.42 -23.50 -6.63
N VAL A 826 -21.71 -22.88 -5.70
CA VAL A 826 -22.27 -22.49 -4.40
C VAL A 826 -22.34 -20.99 -4.21
N ASN A 827 -21.79 -20.20 -5.12
CA ASN A 827 -21.49 -18.79 -4.89
C ASN A 827 -21.91 -18.01 -6.13
N PRO A 828 -22.78 -17.01 -6.00
CA PRO A 828 -23.21 -16.26 -7.18
C PRO A 828 -22.21 -15.24 -7.68
N ASN A 829 -21.07 -15.07 -7.02
CA ASN A 829 -20.20 -13.93 -7.27
C ASN A 829 -19.04 -14.22 -8.23
N ILE A 830 -18.86 -15.47 -8.67
CA ILE A 830 -17.86 -15.76 -9.69
C ILE A 830 -18.38 -15.24 -11.01
N ARG A 831 -17.62 -14.36 -11.65
CA ARG A 831 -18.08 -13.70 -12.86
C ARG A 831 -17.67 -14.49 -14.09
N ASP A 832 -18.45 -14.33 -15.16
CA ASP A 832 -18.12 -15.00 -16.41
C ASP A 832 -16.73 -14.61 -16.89
N ASP A 833 -16.45 -13.31 -16.95
CA ASP A 833 -15.18 -12.86 -17.50
C ASP A 833 -13.99 -13.33 -16.67
N GLU A 834 -14.23 -13.76 -15.43
CA GLU A 834 -13.14 -14.34 -14.64
C GLU A 834 -12.77 -15.72 -15.17
N LEU A 835 -13.77 -16.54 -15.48
CA LEU A 835 -13.49 -17.88 -15.98
C LEU A 835 -12.94 -17.84 -17.40
N THR A 836 -13.47 -16.94 -18.23
CA THR A 836 -12.96 -16.83 -19.60
C THR A 836 -11.54 -16.29 -19.61
N ALA A 837 -11.17 -15.46 -18.63
CA ALA A 837 -9.83 -14.90 -18.58
C ALA A 837 -8.79 -15.98 -18.25
N ILE A 838 -9.06 -16.78 -17.23
CA ILE A 838 -8.16 -17.88 -16.90
C ILE A 838 -8.04 -18.83 -18.09
N GLU A 839 -9.17 -19.17 -18.70
CA GLU A 839 -9.16 -20.08 -19.84
C GLU A 839 -8.31 -19.53 -20.98
N SER A 840 -8.57 -18.29 -21.38
CA SER A 840 -7.79 -17.66 -22.44
C SER A 840 -6.30 -17.59 -22.07
N ASN A 841 -5.99 -17.26 -20.82
CA ASN A 841 -4.59 -17.13 -20.40
C ASN A 841 -3.89 -18.49 -20.40
N ARG A 842 -4.55 -19.53 -19.89
CA ARG A 842 -3.97 -20.87 -19.93
C ARG A 842 -3.62 -21.27 -21.37
N GLN A 843 -4.35 -20.75 -22.35
CA GLN A 843 -4.10 -21.11 -23.73
C GLN A 843 -2.92 -20.34 -24.30
N GLN A 844 -2.93 -19.01 -24.17
CA GLN A 844 -1.86 -18.20 -24.74
C GLN A 844 -0.54 -18.44 -24.02
N VAL A 845 -0.58 -18.88 -22.77
CA VAL A 845 0.65 -19.18 -22.05
C VAL A 845 1.29 -20.43 -22.63
N MET A 846 0.51 -21.50 -22.77
N MET A 846 0.51 -21.49 -22.77
CA MET A 846 1.05 -22.74 -23.31
CA MET A 846 1.06 -22.73 -23.29
C MET A 846 1.62 -22.54 -24.70
C MET A 846 1.64 -22.56 -24.68
N GLU A 847 0.94 -21.79 -25.54
CA GLU A 847 1.42 -21.56 -26.91
C GLU A 847 2.72 -20.76 -26.91
N SER A 848 2.79 -19.71 -26.10
CA SER A 848 3.98 -18.87 -26.10
C SER A 848 5.20 -19.63 -25.59
N LEU A 849 5.00 -20.58 -24.69
CA LEU A 849 6.13 -21.38 -24.21
C LEU A 849 6.67 -22.31 -25.28
N ASP A 850 5.79 -22.90 -26.08
CA ASP A 850 6.22 -23.78 -27.18
C ASP A 850 6.83 -23.00 -28.35
N GLN A 851 6.98 -21.69 -28.21
CA GLN A 851 7.80 -20.88 -29.10
C GLN A 851 9.04 -20.37 -28.39
N ALA A 852 9.28 -20.84 -27.16
CA ALA A 852 10.42 -20.39 -26.38
C ALA A 852 11.73 -20.71 -27.09
N GLY A 853 12.76 -19.97 -26.75
CA GLY A 853 14.04 -20.16 -27.39
C GLY A 853 15.17 -20.13 -26.39
N TRP A 854 16.39 -20.18 -26.91
N TRP A 854 16.42 -20.13 -26.87
CA TRP A 854 17.59 -20.05 -26.10
CA TRP A 854 17.65 -20.08 -26.05
C TRP A 854 18.68 -19.28 -26.85
C TRP A 854 18.72 -19.27 -26.81
N ARG A 855 19.71 -18.84 -26.08
CA ARG A 855 20.81 -18.08 -26.65
C ARG A 855 21.96 -18.17 -25.65
N LEU A 856 23.17 -18.05 -26.16
CA LEU A 856 24.34 -17.96 -25.31
C LEU A 856 24.46 -16.55 -24.77
N ASP A 857 24.50 -16.42 -23.45
CA ASP A 857 24.53 -15.12 -22.79
C ASP A 857 25.92 -14.71 -22.32
N ALA A 858 26.71 -15.65 -21.80
CA ALA A 858 28.02 -15.32 -21.29
C ALA A 858 28.90 -16.55 -21.35
N LEU A 859 30.21 -16.30 -21.35
CA LEU A 859 31.14 -17.41 -21.29
C LEU A 859 32.44 -16.99 -20.59
N ARG A 860 33.00 -17.94 -19.87
CA ARG A 860 34.31 -17.78 -19.27
C ARG A 860 35.18 -18.96 -19.68
N LEU A 861 36.32 -18.64 -20.30
N LEU A 861 36.31 -18.66 -20.34
CA LEU A 861 37.31 -19.64 -20.60
CA LEU A 861 37.32 -19.67 -20.61
C LEU A 861 38.16 -19.90 -19.36
C LEU A 861 38.18 -19.88 -19.38
N ILE A 862 38.52 -21.14 -19.13
CA ILE A 862 39.32 -21.53 -17.97
C ILE A 862 40.47 -22.39 -18.46
N VAL A 863 41.68 -22.02 -18.07
CA VAL A 863 42.89 -22.74 -18.47
C VAL A 863 43.60 -23.22 -17.21
N VAL A 864 43.89 -24.51 -17.15
CA VAL A 864 44.56 -25.09 -15.99
C VAL A 864 46.05 -24.77 -16.05
N THR A 865 46.57 -24.22 -14.96
CA THR A 865 48.00 -24.05 -14.75
C THR A 865 48.45 -24.97 -13.62
N HIS A 866 49.76 -25.18 -13.54
CA HIS A 866 50.38 -25.82 -12.40
C HIS A 866 51.25 -24.87 -11.60
N GLN A 867 51.57 -23.70 -12.14
CA GLN A 867 52.42 -22.73 -11.48
C GLN A 867 51.62 -21.99 -10.43
PB ADP B . -8.13 4.00 6.03
O1B ADP B . -8.99 4.94 7.02
O2B ADP B . -8.71 2.50 6.11
O3B ADP B . -8.21 4.56 4.66
PA ADP B . -5.37 4.18 5.67
O1A ADP B . -5.47 5.63 5.01
O2A ADP B . -5.21 3.13 4.64
O3A ADP B . -6.63 3.91 6.64
O5' ADP B . -4.08 4.08 6.60
C5' ADP B . -4.26 4.92 7.74
C4' ADP B . -2.86 5.35 8.19
O4' ADP B . -2.25 4.19 8.81
C3' ADP B . -2.01 5.78 6.98
O3' ADP B . -1.19 6.87 7.41
C2' ADP B . -1.13 4.56 6.67
O2' ADP B . 0.13 5.02 6.18
C1' ADP B . -1.03 3.93 8.09
N9 ADP B . -0.88 2.47 7.95
C8 ADP B . -1.90 1.58 7.80
N7 ADP B . -1.43 0.38 7.67
C5 ADP B . -0.08 0.41 7.73
C6 ADP B . 0.94 -0.55 7.64
N6 ADP B . 0.64 -1.89 7.47
N1 ADP B . 2.20 -0.14 7.74
C2 ADP B . 2.49 1.13 7.91
N3 ADP B . 1.58 2.09 7.99
C4 ADP B . 0.29 1.76 7.90
MG MG C . -9.02 6.21 3.78
CL CL D . 1.87 8.39 13.55
CL CL E . 1.02 -11.23 -7.67
CL CL F . -7.41 35.84 28.73
CL CL G . 3.25 -3.32 -15.42
#